data_4ZTV
#
_entry.id   4ZTV
#
_cell.length_a   79.651
_cell.length_b   91.241
_cell.length_c   119.248
_cell.angle_alpha   90.00
_cell.angle_beta   90.00
_cell.angle_gamma   90.00
#
_symmetry.space_group_name_H-M   'P 21 21 21'
#
loop_
_entity.id
_entity.type
_entity.pdbx_description
1 polymer 'Anthranilate phosphoribosyltransferase'
2 non-polymer 4,4,4-trifluoro-1-(4-methoxyphenyl)butane-1,3-dione
3 water water
#
_entity_poly.entity_id   1
_entity_poly.type   'polypeptide(L)'
_entity_poly.pdbx_seq_one_letter_code
;MALSAEGSSGGSRGGSPKAEAASVPSWPQILGRLTDNRDLARGQAAWAMDQIMTGNARPAQIAAFAVAMTMKAPTADEVG
ELAGVMLSHAHPLPADTVPDDAVDVVGTGGDGVNTVNLSTMAAIVVAAAGVPVVKHGNRAASSLSGGADTLEALGVRIDL
GPDLVARSLAEVGIGFCFAPRFHPSYRHAAAVRREIGVPTVFNLLGPLTNPARPRAGLIGCAFADLAEVMAGVFAARRSS
VLVVHGDDGLDELTTTTTSTIWRVAAGSVDKLTFDPAGFGFARAQLDQLAGGDAQANAAAVRAVLGGARGPVRDAVVLNA
AGAIVAHAGLSSRAEWLPAWEEGLRRASAAIDTGAAEQLLARWVRFGRQILEHHHHHH
;
_entity_poly.pdbx_strand_id   A,B
#
loop_
_chem_comp.id
_chem_comp.type
_chem_comp.name
_chem_comp.formula
TA7 non-polymer 4,4,4-trifluoro-1-(4-methoxyphenyl)butane-1,3-dione 'C11 H9 F3 O3'
#
# COMPACT_ATOMS: atom_id res chain seq x y z
N PRO A 25 -7.12 6.99 -17.80
CA PRO A 25 -6.33 6.21 -16.83
C PRO A 25 -5.30 7.07 -16.10
N SER A 26 -5.23 6.89 -14.78
CA SER A 26 -4.31 7.66 -13.96
C SER A 26 -4.02 6.91 -12.66
N TRP A 27 -2.98 7.32 -11.95
CA TRP A 27 -2.63 6.67 -10.69
C TRP A 27 -3.68 6.90 -9.61
N PRO A 28 -4.20 8.13 -9.47
CA PRO A 28 -5.27 8.30 -8.49
C PRO A 28 -6.47 7.41 -8.75
N GLN A 29 -6.84 7.27 -10.02
CA GLN A 29 -7.96 6.41 -10.41
C GLN A 29 -7.68 4.94 -10.08
N ILE A 30 -6.54 4.45 -10.50
CA ILE A 30 -6.18 3.04 -10.31
C ILE A 30 -5.89 2.73 -8.85
N LEU A 31 -5.08 3.56 -8.20
CA LEU A 31 -4.77 3.37 -6.79
C LEU A 31 -6.03 3.50 -5.93
N GLY A 32 -6.91 4.43 -6.30
CA GLY A 32 -8.14 4.63 -5.57
C GLY A 32 -9.02 3.40 -5.63
N ARG A 33 -9.10 2.81 -6.81
CA ARG A 33 -9.90 1.61 -7.03
C ARG A 33 -9.38 0.43 -6.20
N LEU A 34 -8.05 0.29 -6.14
CA LEU A 34 -7.43 -0.79 -5.36
C LEU A 34 -7.61 -0.61 -3.86
N THR A 35 -7.37 0.61 -3.36
CA THR A 35 -7.54 0.86 -1.92
C THR A 35 -9.00 0.73 -1.52
N ASP A 36 -9.90 0.82 -2.50
CA ASP A 36 -11.32 0.58 -2.26
C ASP A 36 -11.64 -0.91 -2.36
N ASN A 37 -10.59 -1.73 -2.49
CA ASN A 37 -10.72 -3.19 -2.57
C ASN A 37 -11.57 -3.64 -3.75
N ARG A 38 -11.41 -2.97 -4.89
CA ARG A 38 -12.09 -3.37 -6.11
C ARG A 38 -11.09 -3.93 -7.12
N ASP A 39 -11.52 -4.93 -7.87
CA ASP A 39 -10.73 -5.39 -9.01
C ASP A 39 -10.64 -4.26 -10.03
N LEU A 40 -9.53 -4.21 -10.75
CA LEU A 40 -9.33 -3.18 -11.76
C LEU A 40 -10.15 -3.48 -13.01
N ALA A 41 -10.39 -2.45 -13.81
CA ALA A 41 -11.00 -2.63 -15.12
C ALA A 41 -9.96 -3.22 -16.06
N ARG A 42 -10.42 -3.91 -17.10
CA ARG A 42 -9.53 -4.50 -18.08
C ARG A 42 -8.63 -3.44 -18.71
N GLY A 43 -7.31 -3.69 -18.68
CA GLY A 43 -6.34 -2.78 -19.26
C GLY A 43 -5.67 -1.82 -18.27
N GLN A 44 -6.25 -1.68 -17.08
CA GLN A 44 -5.70 -0.75 -16.08
C GLN A 44 -4.39 -1.27 -15.47
N ALA A 45 -4.33 -2.56 -15.14
CA ALA A 45 -3.08 -3.15 -14.67
C ALA A 45 -2.01 -2.99 -15.75
N ALA A 46 -2.39 -3.23 -17.00
CA ALA A 46 -1.48 -3.10 -18.13
C ALA A 46 -0.96 -1.67 -18.26
N TRP A 47 -1.84 -0.69 -18.10
CA TRP A 47 -1.44 0.71 -18.15
C TRP A 47 -0.43 1.00 -17.05
N ALA A 48 -0.74 0.59 -15.82
CA ALA A 48 0.16 0.81 -14.69
C ALA A 48 1.52 0.19 -14.94
N MET A 49 1.55 -1.05 -15.43
CA MET A 49 2.81 -1.74 -15.64
C MET A 49 3.62 -1.07 -16.75
N ASP A 50 2.94 -0.60 -17.79
CA ASP A 50 3.67 0.06 -18.88
C ASP A 50 4.31 1.37 -18.41
N GLN A 51 3.60 2.10 -17.56
CA GLN A 51 4.16 3.31 -16.96
C GLN A 51 5.41 2.98 -16.17
N ILE A 52 5.34 1.89 -15.41
CA ILE A 52 6.46 1.44 -14.60
C ILE A 52 7.64 1.00 -15.46
N MET A 53 7.37 0.32 -16.58
CA MET A 53 8.41 -0.23 -17.42
C MET A 53 9.10 0.85 -18.26
N THR A 54 8.43 1.96 -18.52
CA THR A 54 8.97 3.01 -19.38
C THR A 54 9.65 4.14 -18.59
N GLY A 55 9.75 3.98 -17.28
CA GLY A 55 10.39 4.97 -16.44
C GLY A 55 9.54 6.20 -16.18
N ASN A 56 8.24 6.08 -16.40
CA ASN A 56 7.31 7.20 -16.21
C ASN A 56 6.62 7.20 -14.85
N ALA A 57 6.76 6.11 -14.11
CA ALA A 57 6.16 6.02 -12.78
C ALA A 57 7.15 6.49 -11.72
N ARG A 58 6.67 7.32 -10.80
CA ARG A 58 7.48 7.74 -9.67
C ARG A 58 7.62 6.55 -8.73
N PRO A 59 8.76 6.45 -8.01
CA PRO A 59 8.94 5.35 -7.05
C PRO A 59 7.77 5.22 -6.09
N ALA A 60 7.20 6.34 -5.66
CA ALA A 60 6.07 6.33 -4.73
C ALA A 60 4.85 5.69 -5.38
N GLN A 61 4.67 5.95 -6.67
CA GLN A 61 3.54 5.39 -7.41
C GLN A 61 3.72 3.89 -7.61
N ILE A 62 4.94 3.46 -7.92
CA ILE A 62 5.24 2.04 -8.07
C ILE A 62 4.95 1.30 -6.77
N ALA A 63 5.47 1.83 -5.66
CA ALA A 63 5.29 1.22 -4.35
C ALA A 63 3.81 1.15 -3.96
N ALA A 64 3.10 2.25 -4.14
CA ALA A 64 1.68 2.30 -3.80
C ALA A 64 0.92 1.22 -4.58
N PHE A 65 1.21 1.12 -5.87
CA PHE A 65 0.56 0.14 -6.73
C PHE A 65 0.88 -1.29 -6.29
N ALA A 66 2.16 -1.57 -6.09
CA ALA A 66 2.59 -2.90 -5.65
C ALA A 66 1.88 -3.33 -4.37
N VAL A 67 1.84 -2.43 -3.38
CA VAL A 67 1.23 -2.76 -2.10
C VAL A 67 -0.28 -2.89 -2.20
N ALA A 68 -0.90 -1.92 -2.87
CA ALA A 68 -2.35 -1.90 -3.00
C ALA A 68 -2.85 -3.13 -3.75
N MET A 69 -2.15 -3.49 -4.82
CA MET A 69 -2.51 -4.66 -5.61
C MET A 69 -2.41 -5.91 -4.75
N THR A 70 -1.38 -5.96 -3.91
CA THR A 70 -1.16 -7.12 -3.04
C THR A 70 -2.27 -7.25 -2.00
N MET A 71 -2.63 -6.14 -1.35
CA MET A 71 -3.60 -6.20 -0.26
C MET A 71 -5.02 -6.32 -0.78
N LYS A 72 -5.26 -5.87 -2.01
CA LYS A 72 -6.56 -6.03 -2.63
C LYS A 72 -6.83 -7.51 -2.94
N ALA A 73 -5.75 -8.22 -3.25
CA ALA A 73 -5.73 -9.62 -3.74
C ALA A 73 -5.82 -9.60 -5.26
N PRO A 74 -4.69 -9.79 -5.95
CA PRO A 74 -4.71 -9.71 -7.42
C PRO A 74 -5.48 -10.86 -8.06
N THR A 75 -6.04 -10.59 -9.24
CA THR A 75 -6.73 -11.61 -10.02
C THR A 75 -5.77 -12.15 -11.08
N ALA A 76 -6.12 -13.28 -11.69
CA ALA A 76 -5.32 -13.86 -12.75
C ALA A 76 -5.26 -12.92 -13.97
N ASP A 77 -6.38 -12.26 -14.25
CA ASP A 77 -6.42 -11.32 -15.36
C ASP A 77 -5.46 -10.16 -15.13
N GLU A 78 -5.46 -9.61 -13.92
CA GLU A 78 -4.55 -8.52 -13.58
C GLU A 78 -3.09 -8.94 -13.67
N VAL A 79 -2.74 -10.07 -13.04
CA VAL A 79 -1.37 -10.56 -13.08
C VAL A 79 -0.96 -10.86 -14.53
N GLY A 80 -1.90 -11.38 -15.31
CA GLY A 80 -1.66 -11.65 -16.71
C GLY A 80 -1.29 -10.39 -17.49
N GLU A 81 -1.91 -9.27 -17.13
CA GLU A 81 -1.59 -8.00 -17.77
C GLU A 81 -0.21 -7.52 -17.33
N LEU A 82 0.10 -7.67 -16.04
CA LEU A 82 1.41 -7.24 -15.52
C LEU A 82 2.55 -8.01 -16.18
N ALA A 83 2.43 -9.33 -16.20
CA ALA A 83 3.45 -10.19 -16.79
C ALA A 83 3.56 -9.96 -18.29
N GLY A 84 2.41 -9.78 -18.95
CA GLY A 84 2.37 -9.59 -20.39
C GLY A 84 3.06 -8.32 -20.85
N VAL A 85 2.81 -7.22 -20.14
CA VAL A 85 3.47 -5.95 -20.46
C VAL A 85 4.96 -6.07 -20.21
N MET A 86 5.33 -6.72 -19.11
CA MET A 86 6.75 -6.88 -18.77
C MET A 86 7.48 -7.65 -19.85
N LEU A 87 6.89 -8.75 -20.32
CA LEU A 87 7.50 -9.54 -21.37
C LEU A 87 7.62 -8.77 -22.69
N SER A 88 6.69 -7.85 -22.95
CA SER A 88 6.75 -7.06 -24.17
C SER A 88 7.96 -6.14 -24.19
N HIS A 89 8.56 -5.93 -23.02
CA HIS A 89 9.72 -5.05 -22.87
C HIS A 89 11.02 -5.84 -22.73
N ALA A 90 10.91 -7.16 -22.62
CA ALA A 90 12.07 -8.01 -22.39
C ALA A 90 12.78 -8.38 -23.68
N HIS A 91 14.05 -8.73 -23.56
CA HIS A 91 14.82 -9.25 -24.69
C HIS A 91 14.51 -10.73 -24.84
N PRO A 92 14.25 -11.18 -26.08
CA PRO A 92 13.97 -12.61 -26.29
C PRO A 92 15.25 -13.41 -26.52
N LEU A 93 15.13 -14.73 -26.47
CA LEU A 93 16.21 -15.60 -26.94
C LEU A 93 16.09 -15.67 -28.47
N PRO A 94 17.21 -15.93 -29.16
CA PRO A 94 17.16 -15.94 -30.63
C PRO A 94 16.14 -16.94 -31.17
N ALA A 95 15.61 -16.67 -32.36
CA ALA A 95 14.58 -17.51 -32.95
C ALA A 95 15.02 -18.97 -33.06
N ASP A 96 14.13 -19.87 -32.65
CA ASP A 96 14.35 -21.31 -32.79
C ASP A 96 15.60 -21.79 -32.06
N THR A 97 15.79 -21.32 -30.83
CA THR A 97 16.92 -21.77 -30.01
C THR A 97 16.44 -22.39 -28.70
N VAL A 98 15.20 -22.10 -28.33
CA VAL A 98 14.59 -22.71 -27.15
C VAL A 98 13.75 -23.91 -27.58
N PRO A 99 14.14 -25.12 -27.16
CA PRO A 99 13.27 -26.27 -27.47
C PRO A 99 11.85 -26.03 -26.97
N ASP A 100 10.85 -26.46 -27.73
CA ASP A 100 9.47 -26.16 -27.37
C ASP A 100 9.03 -26.98 -26.15
N ASP A 101 9.90 -27.86 -25.66
CA ASP A 101 9.59 -28.65 -24.46
C ASP A 101 10.49 -28.28 -23.29
N ALA A 102 11.09 -27.10 -23.34
CA ALA A 102 11.92 -26.63 -22.23
C ALA A 102 11.05 -26.37 -21.01
N VAL A 103 11.60 -26.62 -19.82
CA VAL A 103 10.86 -26.41 -18.58
C VAL A 103 11.56 -25.42 -17.67
N ASP A 104 10.80 -24.86 -16.73
CA ASP A 104 11.33 -24.00 -15.69
C ASP A 104 11.13 -24.73 -14.36
N VAL A 105 12.03 -24.47 -13.42
CA VAL A 105 11.90 -24.99 -12.06
C VAL A 105 12.24 -23.89 -11.08
N VAL A 106 11.24 -23.38 -10.36
CA VAL A 106 11.47 -22.22 -9.50
C VAL A 106 10.30 -22.00 -8.54
N GLY A 107 10.58 -21.27 -7.45
CA GLY A 107 9.56 -20.83 -6.52
C GLY A 107 9.52 -19.32 -6.45
N THR A 108 8.42 -18.77 -5.94
CA THR A 108 8.24 -17.32 -5.87
C THR A 108 8.81 -16.73 -4.58
N GLY A 109 9.30 -17.59 -3.69
CA GLY A 109 9.89 -17.16 -2.45
C GLY A 109 8.84 -16.95 -1.37
N ASN A 114 12.73 -19.42 1.90
CA ASN A 114 13.52 -19.51 0.67
C ASN A 114 13.92 -20.94 0.34
N THR A 115 13.71 -21.35 -0.91
CA THR A 115 13.97 -22.72 -1.34
C THR A 115 14.84 -22.76 -2.60
N VAL A 116 15.65 -21.72 -2.77
CA VAL A 116 16.59 -21.65 -3.88
C VAL A 116 17.48 -22.89 -3.94
N ASN A 117 17.81 -23.44 -2.78
CA ASN A 117 18.59 -24.66 -2.71
C ASN A 117 17.88 -25.80 -3.43
N LEU A 118 16.59 -25.98 -3.13
CA LEU A 118 15.80 -27.06 -3.72
C LEU A 118 15.59 -26.87 -5.22
N SER A 119 15.25 -25.66 -5.64
CA SER A 119 14.93 -25.39 -7.03
C SER A 119 16.18 -25.46 -7.91
N THR A 120 17.30 -24.98 -7.38
CA THR A 120 18.57 -25.06 -8.11
C THR A 120 18.97 -26.51 -8.35
N MET A 121 18.89 -27.32 -7.29
CA MET A 121 19.24 -28.73 -7.37
C MET A 121 18.26 -29.48 -8.27
N ALA A 122 16.98 -29.21 -8.10
CA ALA A 122 15.96 -29.86 -8.91
C ALA A 122 16.18 -29.58 -10.39
N ALA A 123 16.49 -28.33 -10.72
CA ALA A 123 16.71 -27.92 -12.10
C ALA A 123 17.87 -28.69 -12.75
N ILE A 124 18.95 -28.88 -11.99
CA ILE A 124 20.10 -29.62 -12.48
C ILE A 124 19.73 -31.08 -12.69
N VAL A 125 18.98 -31.64 -11.75
CA VAL A 125 18.56 -33.03 -11.83
C VAL A 125 17.65 -33.25 -13.04
N VAL A 126 16.72 -32.33 -13.26
CA VAL A 126 15.78 -32.43 -14.37
C VAL A 126 16.55 -32.44 -15.69
N ALA A 127 17.51 -31.54 -15.83
CA ALA A 127 18.32 -31.44 -17.04
C ALA A 127 19.13 -32.72 -17.27
N ALA A 128 19.63 -33.29 -16.18
CA ALA A 128 20.41 -34.53 -16.25
C ALA A 128 19.53 -35.72 -16.62
N ALA A 129 18.22 -35.56 -16.50
CA ALA A 129 17.28 -36.62 -16.88
C ALA A 129 16.92 -36.52 -18.37
N GLY A 130 17.43 -35.49 -19.04
CA GLY A 130 17.25 -35.32 -20.48
C GLY A 130 16.24 -34.25 -20.85
N VAL A 131 15.73 -33.53 -19.87
CA VAL A 131 14.73 -32.49 -20.10
C VAL A 131 15.39 -31.11 -20.19
N PRO A 132 15.17 -30.37 -21.29
CA PRO A 132 15.78 -29.04 -21.36
C PRO A 132 15.26 -28.14 -20.26
N VAL A 133 16.14 -27.38 -19.61
CA VAL A 133 15.76 -26.50 -18.53
C VAL A 133 16.30 -25.10 -18.79
N VAL A 134 15.44 -24.10 -18.68
CA VAL A 134 15.89 -22.73 -18.77
C VAL A 134 15.33 -21.97 -17.57
N LYS A 135 16.24 -21.48 -16.74
CA LYS A 135 15.87 -20.76 -15.54
C LYS A 135 16.05 -19.26 -15.71
N HIS A 136 15.56 -18.53 -14.71
CA HIS A 136 15.44 -17.08 -14.80
C HIS A 136 15.52 -16.51 -13.39
N GLY A 137 16.46 -15.61 -13.16
CA GLY A 137 16.66 -15.04 -11.83
C GLY A 137 17.69 -13.94 -11.78
N ASN A 138 18.01 -13.53 -10.56
CA ASN A 138 18.94 -12.44 -10.31
C ASN A 138 19.70 -12.68 -9.01
N ARG A 139 20.79 -11.95 -8.81
CA ARG A 139 21.47 -11.93 -7.52
C ARG A 139 20.59 -11.24 -6.49
N ALA A 140 20.48 -11.80 -5.29
CA ALA A 140 19.63 -11.24 -4.25
C ALA A 140 20.37 -10.14 -3.47
N SER A 145 20.17 -15.66 -0.30
CA SER A 145 20.67 -16.06 -1.62
C SER A 145 19.55 -16.12 -2.66
N GLY A 146 19.84 -15.57 -3.84
CA GLY A 146 18.95 -15.70 -4.98
C GLY A 146 19.35 -16.91 -5.80
N GLY A 147 18.58 -17.21 -6.84
CA GLY A 147 18.89 -18.34 -7.70
C GLY A 147 20.26 -18.20 -8.33
N ALA A 148 20.57 -16.99 -8.77
CA ALA A 148 21.82 -16.71 -9.46
C ALA A 148 23.04 -16.87 -8.55
N ASP A 149 22.87 -16.52 -7.27
CA ASP A 149 23.98 -16.52 -6.32
C ASP A 149 24.51 -17.93 -6.06
N THR A 150 23.60 -18.87 -5.81
CA THR A 150 23.98 -20.26 -5.59
C THR A 150 24.72 -20.82 -6.81
N LEU A 151 24.23 -20.50 -8.00
CA LEU A 151 24.85 -21.00 -9.22
C LEU A 151 26.25 -20.43 -9.39
N GLU A 152 26.43 -19.15 -9.08
CA GLU A 152 27.74 -18.52 -9.15
C GLU A 152 28.72 -19.14 -8.15
N ALA A 153 28.20 -19.55 -6.99
CA ALA A 153 29.03 -20.20 -5.97
C ALA A 153 29.50 -21.57 -6.44
N LEU A 154 28.78 -22.15 -7.38
CA LEU A 154 29.13 -23.44 -7.97
C LEU A 154 30.04 -23.27 -9.19
N GLY A 155 30.30 -22.02 -9.58
CA GLY A 155 31.21 -21.73 -10.67
C GLY A 155 30.53 -21.55 -12.01
N VAL A 156 29.20 -21.47 -12.00
CA VAL A 156 28.45 -21.23 -13.23
C VAL A 156 28.48 -19.75 -13.60
N ARG A 157 28.69 -19.46 -14.89
CA ARG A 157 28.65 -18.09 -15.39
C ARG A 157 27.21 -17.70 -15.71
N ILE A 158 26.63 -16.85 -14.86
CA ILE A 158 25.20 -16.56 -14.91
C ILE A 158 24.83 -15.42 -15.86
N ASP A 159 25.75 -14.49 -16.07
CA ASP A 159 25.47 -13.29 -16.85
C ASP A 159 25.86 -13.46 -18.32
N LEU A 160 25.02 -14.15 -19.07
CA LEU A 160 25.28 -14.40 -20.50
C LEU A 160 24.20 -13.76 -21.38
N GLY A 161 24.59 -13.39 -22.59
CA GLY A 161 23.66 -12.83 -23.55
C GLY A 161 22.78 -13.90 -24.17
N PRO A 162 21.75 -13.48 -24.93
CA PRO A 162 20.79 -14.41 -25.53
C PRO A 162 21.44 -15.49 -26.39
N ASP A 163 22.44 -15.10 -27.17
CA ASP A 163 23.10 -16.02 -28.09
C ASP A 163 23.81 -17.16 -27.34
N LEU A 164 24.35 -16.84 -26.17
CA LEU A 164 25.13 -17.81 -25.40
C LEU A 164 24.26 -18.64 -24.46
N VAL A 165 23.16 -18.08 -23.98
CA VAL A 165 22.19 -18.85 -23.24
C VAL A 165 21.65 -19.93 -24.18
N ALA A 166 21.44 -19.54 -25.44
CA ALA A 166 20.97 -20.46 -26.47
C ALA A 166 21.98 -21.58 -26.70
N ARG A 167 23.26 -21.23 -26.77
CA ARG A 167 24.31 -22.22 -26.94
C ARG A 167 24.36 -23.16 -25.72
N SER A 168 24.25 -22.58 -24.54
CA SER A 168 24.27 -23.35 -23.29
C SER A 168 23.17 -24.40 -23.29
N LEU A 169 21.98 -24.01 -23.72
CA LEU A 169 20.84 -24.93 -23.83
C LEU A 169 21.13 -26.07 -24.80
N ALA A 170 21.70 -25.73 -25.95
CA ALA A 170 21.95 -26.70 -27.00
C ALA A 170 23.07 -27.67 -26.62
N GLU A 171 24.08 -27.15 -25.92
CA GLU A 171 25.29 -27.93 -25.65
C GLU A 171 25.30 -28.60 -24.28
N VAL A 172 24.60 -28.00 -23.32
CA VAL A 172 24.57 -28.53 -21.95
C VAL A 172 23.18 -29.02 -21.56
N GLY A 173 22.15 -28.49 -22.21
CA GLY A 173 20.79 -28.88 -21.90
C GLY A 173 20.22 -28.05 -20.76
N ILE A 174 20.93 -26.99 -20.39
CA ILE A 174 20.44 -26.08 -19.37
C ILE A 174 20.96 -24.67 -19.61
N GLY A 175 20.17 -23.68 -19.23
CA GLY A 175 20.55 -22.29 -19.40
C GLY A 175 19.96 -21.42 -18.31
N PHE A 176 20.52 -20.22 -18.16
CA PHE A 176 20.07 -19.29 -17.13
C PHE A 176 19.99 -17.89 -17.69
N CYS A 177 18.79 -17.31 -17.65
CA CYS A 177 18.56 -15.94 -18.11
C CYS A 177 18.71 -14.96 -16.97
N PHE A 178 19.79 -14.17 -17.01
CA PHE A 178 20.07 -13.19 -15.98
C PHE A 178 19.10 -12.01 -16.13
N ALA A 179 18.25 -11.82 -15.13
CA ALA A 179 17.12 -10.91 -15.24
C ALA A 179 17.51 -9.47 -15.62
N PRO A 180 18.58 -8.93 -15.01
CA PRO A 180 18.96 -7.57 -15.40
C PRO A 180 19.33 -7.44 -16.88
N ARG A 181 19.80 -8.52 -17.49
CA ARG A 181 20.20 -8.48 -18.89
C ARG A 181 19.02 -8.63 -19.84
N PHE A 182 17.97 -9.32 -19.39
CA PHE A 182 16.81 -9.57 -20.24
C PHE A 182 15.64 -8.64 -19.95
N HIS A 183 15.60 -8.12 -18.72
CA HIS A 183 14.54 -7.20 -18.28
C HIS A 183 15.10 -5.85 -17.84
N PRO A 184 15.90 -5.19 -18.70
CA PRO A 184 16.55 -3.95 -18.27
C PRO A 184 15.56 -2.86 -17.86
N SER A 185 14.40 -2.83 -18.50
CA SER A 185 13.40 -1.81 -18.22
C SER A 185 12.66 -2.04 -16.90
N TYR A 186 12.98 -3.15 -16.24
CA TYR A 186 12.37 -3.49 -14.95
C TYR A 186 13.15 -2.86 -13.78
N ARG A 187 14.20 -2.12 -14.11
CA ARG A 187 15.12 -1.61 -13.09
C ARG A 187 14.45 -0.68 -12.07
N HIS A 188 13.43 0.07 -12.51
CA HIS A 188 12.75 1.00 -11.62
C HIS A 188 11.93 0.26 -10.59
N ALA A 189 11.19 -0.75 -11.05
CA ALA A 189 10.43 -1.62 -10.15
C ALA A 189 11.35 -2.38 -9.20
N ALA A 190 12.46 -2.87 -9.74
CA ALA A 190 13.44 -3.63 -8.97
C ALA A 190 13.99 -2.80 -7.81
N ALA A 191 14.28 -1.53 -8.08
CA ALA A 191 14.78 -0.62 -7.05
C ALA A 191 13.76 -0.44 -5.93
N VAL A 192 12.49 -0.25 -6.32
CA VAL A 192 11.42 -0.07 -5.35
C VAL A 192 11.21 -1.32 -4.52
N ARG A 193 11.25 -2.47 -5.20
N ARG A 193 11.26 -2.48 -5.19
CA ARG A 193 11.11 -3.76 -4.52
CA ARG A 193 11.11 -3.76 -4.53
C ARG A 193 12.15 -3.93 -3.41
C ARG A 193 12.16 -3.98 -3.44
N ARG A 194 13.37 -3.50 -3.68
CA ARG A 194 14.45 -3.59 -2.70
C ARG A 194 14.21 -2.64 -1.52
N GLU A 195 13.75 -1.43 -1.84
CA GLU A 195 13.57 -0.39 -0.82
C GLU A 195 12.50 -0.75 0.21
N ILE A 196 11.42 -1.38 -0.24
CA ILE A 196 10.31 -1.69 0.66
C ILE A 196 10.45 -3.10 1.24
N GLY A 197 11.16 -3.96 0.52
CA GLY A 197 11.53 -5.26 1.04
C GLY A 197 10.40 -6.27 1.15
N VAL A 198 9.23 -5.82 1.58
CA VAL A 198 8.09 -6.70 1.77
C VAL A 198 7.73 -7.41 0.46
N PRO A 199 7.32 -8.69 0.53
CA PRO A 199 6.84 -9.38 -0.67
C PRO A 199 5.57 -8.74 -1.24
N THR A 200 5.48 -8.67 -2.56
CA THR A 200 4.27 -8.14 -3.21
C THR A 200 3.90 -9.00 -4.42
N VAL A 201 2.88 -8.56 -5.14
CA VAL A 201 2.44 -9.23 -6.36
C VAL A 201 3.59 -9.33 -7.37
N PHE A 202 4.55 -8.41 -7.28
CA PHE A 202 5.69 -8.42 -8.19
C PHE A 202 6.56 -9.65 -8.01
N ASN A 203 6.52 -10.26 -6.83
CA ASN A 203 7.25 -11.49 -6.58
C ASN A 203 6.72 -12.64 -7.44
N LEU A 204 5.47 -12.54 -7.88
CA LEU A 204 4.88 -13.56 -8.75
C LEU A 204 5.39 -13.50 -10.17
N LEU A 205 6.00 -12.37 -10.55
CA LEU A 205 6.30 -12.11 -11.96
C LEU A 205 7.49 -12.90 -12.49
N GLY A 206 8.44 -13.22 -11.62
CA GLY A 206 9.62 -13.97 -12.02
C GLY A 206 9.32 -15.19 -12.88
N PRO A 207 8.51 -16.12 -12.36
CA PRO A 207 8.11 -17.33 -13.10
C PRO A 207 7.26 -17.04 -14.32
N LEU A 208 6.54 -15.93 -14.32
CA LEU A 208 5.61 -15.61 -15.38
C LEU A 208 6.25 -14.78 -16.49
N THR A 209 7.53 -14.43 -16.32
CA THR A 209 8.22 -13.59 -17.27
C THR A 209 9.60 -14.15 -17.64
N ASN A 210 9.74 -15.46 -17.54
CA ASN A 210 10.92 -16.13 -18.05
C ASN A 210 11.09 -15.76 -19.53
N PRO A 211 12.18 -15.07 -19.88
CA PRO A 211 12.31 -14.56 -21.24
C PRO A 211 12.44 -15.64 -22.32
N ALA A 212 12.79 -16.85 -21.91
CA ALA A 212 12.85 -17.98 -22.84
C ALA A 212 11.44 -18.55 -23.10
N ARG A 213 10.48 -18.11 -22.28
CA ARG A 213 9.08 -18.54 -22.40
C ARG A 213 8.92 -20.06 -22.50
N PRO A 214 9.50 -20.80 -21.54
CA PRO A 214 9.24 -22.25 -21.52
C PRO A 214 7.74 -22.52 -21.36
N ARG A 215 7.26 -23.58 -22.02
CA ARG A 215 5.83 -23.88 -21.99
C ARG A 215 5.47 -24.86 -20.89
N ALA A 216 6.46 -25.25 -20.09
CA ALA A 216 6.22 -26.17 -18.99
C ALA A 216 7.09 -25.85 -17.78
N GLY A 217 6.75 -26.46 -16.65
CA GLY A 217 7.56 -26.28 -15.46
C GLY A 217 6.91 -26.65 -14.15
N LEU A 218 7.71 -26.59 -13.11
CA LEU A 218 7.28 -26.76 -11.74
C LEU A 218 7.43 -25.39 -11.08
N ILE A 219 6.32 -24.78 -10.70
CA ILE A 219 6.33 -23.42 -10.16
C ILE A 219 5.76 -23.39 -8.75
N GLY A 220 6.62 -23.11 -7.78
CA GLY A 220 6.20 -23.08 -6.39
C GLY A 220 5.78 -21.71 -5.91
N CYS A 221 4.83 -21.68 -4.98
CA CYS A 221 4.33 -20.43 -4.40
C CYS A 221 4.05 -20.60 -2.91
N ALA A 222 4.46 -19.62 -2.11
CA ALA A 222 4.35 -19.72 -0.66
C ALA A 222 2.95 -19.45 -0.14
N PHE A 223 2.09 -18.90 -1.00
CA PHE A 223 0.71 -18.56 -0.62
C PHE A 223 -0.30 -19.23 -1.56
N ALA A 224 -1.23 -19.95 -0.96
CA ALA A 224 -2.18 -20.77 -1.73
C ALA A 224 -3.09 -19.95 -2.64
N ASP A 225 -3.53 -18.79 -2.15
CA ASP A 225 -4.44 -17.96 -2.93
C ASP A 225 -3.73 -17.44 -4.18
N LEU A 226 -2.46 -17.04 -4.03
CA LEU A 226 -1.69 -16.53 -5.16
C LEU A 226 -1.29 -17.65 -6.11
N ALA A 227 -1.04 -18.84 -5.57
CA ALA A 227 -0.71 -20.00 -6.39
C ALA A 227 -1.82 -20.24 -7.40
N GLU A 228 -3.06 -20.16 -6.93
CA GLU A 228 -4.22 -20.39 -7.77
C GLU A 228 -4.31 -19.31 -8.86
N VAL A 229 -4.00 -18.08 -8.48
CA VAL A 229 -3.94 -16.98 -9.43
C VAL A 229 -2.91 -17.27 -10.53
N MET A 230 -1.71 -17.65 -10.12
CA MET A 230 -0.65 -17.98 -11.07
C MET A 230 -1.07 -19.08 -12.02
N ALA A 231 -1.76 -20.10 -11.49
CA ALA A 231 -2.22 -21.20 -12.31
C ALA A 231 -3.17 -20.72 -13.39
N GLY A 232 -3.99 -19.73 -13.04
CA GLY A 232 -4.92 -19.14 -13.99
C GLY A 232 -4.19 -18.51 -15.15
N VAL A 233 -3.10 -17.81 -14.85
CA VAL A 233 -2.30 -17.15 -15.87
C VAL A 233 -1.65 -18.18 -16.80
N PHE A 234 -1.03 -19.21 -16.23
CA PHE A 234 -0.41 -20.26 -17.04
C PHE A 234 -1.42 -20.97 -17.91
N ALA A 235 -2.64 -21.11 -17.40
CA ALA A 235 -3.70 -21.80 -18.12
C ALA A 235 -4.01 -21.09 -19.43
N ALA A 236 -4.10 -19.76 -19.37
CA ALA A 236 -4.40 -18.95 -20.55
C ALA A 236 -3.28 -19.03 -21.59
N ARG A 237 -2.10 -19.48 -21.17
CA ARG A 237 -0.98 -19.62 -22.08
C ARG A 237 -0.94 -20.99 -22.74
N ARG A 238 -1.79 -21.89 -22.26
CA ARG A 238 -1.80 -23.27 -22.74
C ARG A 238 -0.48 -23.96 -22.41
N SER A 239 0.08 -23.61 -21.27
CA SER A 239 1.29 -24.25 -20.77
C SER A 239 0.95 -25.59 -20.13
N SER A 240 1.98 -26.40 -19.88
CA SER A 240 1.81 -27.58 -19.04
C SER A 240 2.65 -27.41 -17.78
N VAL A 241 1.99 -26.99 -16.71
CA VAL A 241 2.67 -26.56 -15.49
C VAL A 241 2.04 -27.18 -14.26
N LEU A 242 2.89 -27.55 -13.31
CA LEU A 242 2.44 -27.84 -11.96
C LEU A 242 2.76 -26.64 -11.07
N VAL A 243 1.72 -25.92 -10.69
CA VAL A 243 1.85 -24.87 -9.70
C VAL A 243 1.64 -25.52 -8.34
N VAL A 244 2.63 -25.39 -7.46
CA VAL A 244 2.62 -26.16 -6.22
C VAL A 244 2.77 -25.28 -4.99
N HIS A 245 2.13 -25.72 -3.92
CA HIS A 245 2.17 -25.04 -2.64
C HIS A 245 2.17 -26.06 -1.52
N GLY A 246 3.25 -26.10 -0.77
CA GLY A 246 3.33 -26.98 0.39
C GLY A 246 2.32 -26.50 1.42
N ASP A 247 1.53 -27.42 1.95
CA ASP A 247 0.51 -27.05 2.94
C ASP A 247 1.16 -26.65 4.27
N ASP A 248 2.49 -26.64 4.29
CA ASP A 248 3.26 -26.08 5.40
C ASP A 248 3.79 -24.69 5.05
N GLY A 249 3.37 -24.15 3.91
CA GLY A 249 3.80 -22.82 3.48
C GLY A 249 4.94 -22.83 2.46
N LEU A 250 5.53 -23.99 2.21
CA LEU A 250 6.68 -24.08 1.30
C LEU A 250 6.31 -23.72 -0.13
N ASP A 251 7.20 -22.97 -0.80
CA ASP A 251 7.02 -22.65 -2.22
C ASP A 251 7.69 -23.72 -3.08
N GLU A 252 7.49 -24.97 -2.66
CA GLU A 252 7.87 -26.15 -3.43
C GLU A 252 6.92 -27.24 -2.98
N LEU A 253 6.99 -28.40 -3.63
CA LEU A 253 6.35 -29.59 -3.07
C LEU A 253 7.14 -29.92 -1.81
N THR A 254 6.42 -30.16 -0.70
CA THR A 254 7.06 -30.42 0.58
C THR A 254 7.03 -31.90 0.93
N THR A 255 7.90 -32.29 1.86
CA THR A 255 7.92 -33.64 2.41
C THR A 255 7.43 -33.62 3.86
N THR A 256 7.20 -32.42 4.38
CA THR A 256 6.74 -32.22 5.75
C THR A 256 5.29 -32.65 5.93
N THR A 257 4.52 -32.50 4.86
CA THR A 257 3.09 -32.78 4.90
C THR A 257 2.55 -32.85 3.47
N THR A 258 1.25 -32.72 3.31
CA THR A 258 0.65 -32.69 1.98
C THR A 258 0.99 -31.38 1.26
N SER A 259 0.69 -31.36 -0.03
CA SER A 259 0.80 -30.14 -0.83
C SER A 259 -0.48 -29.98 -1.64
N THR A 260 -0.75 -28.75 -2.04
CA THR A 260 -1.78 -28.48 -3.03
C THR A 260 -1.10 -28.27 -4.37
N ILE A 261 -1.60 -28.97 -5.38
CA ILE A 261 -1.09 -28.80 -6.73
C ILE A 261 -2.19 -28.25 -7.63
N TRP A 262 -1.88 -27.18 -8.35
CA TRP A 262 -2.72 -26.71 -9.43
C TRP A 262 -2.13 -27.22 -10.73
N ARG A 263 -2.74 -28.28 -11.22
CA ARG A 263 -2.28 -28.96 -12.42
C ARG A 263 -2.84 -28.26 -13.65
N VAL A 264 -1.96 -27.67 -14.45
CA VAL A 264 -2.37 -26.82 -15.57
C VAL A 264 -2.03 -27.47 -16.90
N ALA A 265 -3.04 -27.62 -17.75
CA ALA A 265 -2.85 -28.14 -19.10
C ALA A 265 -4.07 -27.87 -19.96
N ALA A 266 -3.83 -27.67 -21.27
CA ALA A 266 -4.91 -27.53 -22.24
C ALA A 266 -5.91 -26.44 -21.87
N GLY A 267 -5.40 -25.36 -21.26
CA GLY A 267 -6.23 -24.21 -20.97
C GLY A 267 -7.09 -24.34 -19.72
N SER A 268 -6.89 -25.39 -18.94
CA SER A 268 -7.70 -25.60 -17.74
C SER A 268 -6.84 -26.02 -16.54
N VAL A 269 -7.46 -26.00 -15.37
CA VAL A 269 -6.77 -26.25 -14.11
C VAL A 269 -7.44 -27.39 -13.34
N ASP A 270 -6.61 -28.29 -12.82
CA ASP A 270 -7.07 -29.41 -12.02
C ASP A 270 -6.42 -29.34 -10.64
N LYS A 271 -7.17 -28.80 -9.68
CA LYS A 271 -6.68 -28.62 -8.32
C LYS A 271 -6.81 -29.91 -7.52
N LEU A 272 -5.75 -30.30 -6.82
CA LEU A 272 -5.75 -31.56 -6.09
C LEU A 272 -4.84 -31.52 -4.87
N THR A 273 -5.13 -32.39 -3.91
CA THR A 273 -4.28 -32.59 -2.75
C THR A 273 -3.29 -33.71 -3.06
N PHE A 274 -2.04 -33.45 -2.74
CA PHE A 274 -0.93 -34.33 -3.09
C PHE A 274 -0.20 -34.78 -1.83
N ASP A 275 0.05 -36.09 -1.71
CA ASP A 275 0.74 -36.63 -0.54
C ASP A 275 1.91 -37.53 -0.98
N PRO A 276 3.15 -37.08 -0.72
CA PRO A 276 4.31 -37.87 -1.17
C PRO A 276 4.50 -39.15 -0.36
N ALA A 277 3.79 -39.29 0.75
CA ALA A 277 3.84 -40.51 1.54
C ALA A 277 3.38 -41.69 0.67
N GLY A 278 2.50 -41.41 -0.28
CA GLY A 278 2.01 -42.42 -1.19
C GLY A 278 3.09 -42.96 -2.11
N PHE A 279 4.20 -42.24 -2.22
CA PHE A 279 5.34 -42.69 -3.02
C PHE A 279 6.47 -43.19 -2.12
N GLY A 280 6.19 -43.32 -0.82
CA GLY A 280 7.14 -43.89 0.11
C GLY A 280 8.06 -42.87 0.75
N PHE A 281 7.75 -41.60 0.59
CA PHE A 281 8.58 -40.54 1.18
C PHE A 281 8.31 -40.39 2.66
N ALA A 282 9.36 -40.52 3.46
CA ALA A 282 9.26 -40.29 4.89
C ALA A 282 8.90 -38.83 5.16
N ARG A 283 8.17 -38.59 6.25
CA ARG A 283 7.84 -37.24 6.66
C ARG A 283 9.05 -36.56 7.30
N ALA A 284 9.38 -35.37 6.82
CA ALA A 284 10.52 -34.61 7.34
C ALA A 284 10.04 -33.41 8.17
N GLN A 285 11.00 -32.66 8.70
CA GLN A 285 10.70 -31.43 9.43
C GLN A 285 11.11 -30.22 8.59
N LEU A 286 10.43 -29.10 8.81
CA LEU A 286 10.58 -27.94 7.93
C LEU A 286 11.98 -27.34 7.98
N ASP A 287 12.60 -27.32 9.16
CA ASP A 287 13.92 -26.72 9.32
C ASP A 287 14.99 -27.49 8.56
N GLN A 288 14.66 -28.71 8.14
CA GLN A 288 15.61 -29.55 7.42
C GLN A 288 15.69 -29.18 5.93
N LEU A 289 14.63 -28.56 5.42
CA LEU A 289 14.51 -28.28 3.99
C LEU A 289 14.90 -26.86 3.60
N ALA A 290 14.91 -25.95 4.58
CA ALA A 290 15.13 -24.54 4.31
C ALA A 290 16.52 -24.28 3.75
N GLY A 291 16.60 -23.41 2.76
CA GLY A 291 17.87 -23.03 2.17
C GLY A 291 18.66 -22.11 3.07
N GLY A 292 19.90 -21.82 2.66
CA GLY A 292 20.77 -20.90 3.38
C GLY A 292 21.34 -19.86 2.43
N ASP A 293 22.56 -19.42 2.70
CA ASP A 293 23.24 -18.47 1.82
C ASP A 293 23.82 -19.20 0.61
N ALA A 294 24.50 -18.45 -0.26
CA ALA A 294 25.02 -19.00 -1.51
C ALA A 294 25.99 -20.16 -1.28
N GLN A 295 26.90 -19.99 -0.33
CA GLN A 295 27.92 -21.00 -0.05
C GLN A 295 27.31 -22.23 0.63
N ALA A 296 26.42 -21.99 1.59
CA ALA A 296 25.73 -23.08 2.28
C ALA A 296 24.92 -23.89 1.28
N ASN A 297 24.28 -23.20 0.34
CA ASN A 297 23.52 -23.87 -0.71
C ASN A 297 24.44 -24.64 -1.65
N ALA A 298 25.55 -24.03 -2.05
CA ALA A 298 26.50 -24.67 -2.93
C ALA A 298 27.02 -25.96 -2.30
N ALA A 299 27.37 -25.89 -1.02
CA ALA A 299 27.82 -27.07 -0.28
C ALA A 299 26.76 -28.17 -0.30
N ALA A 300 25.49 -27.77 -0.19
CA ALA A 300 24.40 -28.73 -0.17
C ALA A 300 24.19 -29.34 -1.55
N VAL A 301 24.36 -28.52 -2.59
CA VAL A 301 24.28 -29.01 -3.97
C VAL A 301 25.34 -30.10 -4.20
N ARG A 302 26.57 -29.81 -3.82
CA ARG A 302 27.67 -30.76 -4.01
C ARG A 302 27.40 -32.07 -3.30
N ALA A 303 26.88 -31.99 -2.07
CA ALA A 303 26.64 -33.19 -1.27
C ALA A 303 25.53 -34.04 -1.88
N VAL A 304 24.43 -33.39 -2.25
CA VAL A 304 23.26 -34.10 -2.77
C VAL A 304 23.55 -34.74 -4.13
N LEU A 305 24.25 -34.01 -5.00
CA LEU A 305 24.59 -34.52 -6.32
C LEU A 305 25.69 -35.57 -6.20
N GLY A 306 26.36 -35.59 -5.04
CA GLY A 306 27.37 -36.59 -4.75
C GLY A 306 26.77 -37.89 -4.23
N GLY A 307 25.48 -37.86 -3.90
CA GLY A 307 24.76 -39.05 -3.47
C GLY A 307 24.29 -39.02 -2.02
N ALA A 308 24.58 -37.92 -1.32
CA ALA A 308 24.20 -37.79 0.08
C ALA A 308 22.68 -37.93 0.25
N ARG A 309 22.28 -38.82 1.14
CA ARG A 309 20.86 -39.10 1.39
C ARG A 309 20.33 -38.25 2.52
N GLY A 310 19.01 -38.12 2.59
CA GLY A 310 18.38 -37.31 3.62
C GLY A 310 17.17 -36.56 3.10
N PRO A 311 16.57 -35.73 3.96
CA PRO A 311 15.37 -34.96 3.61
C PRO A 311 15.57 -34.01 2.43
N VAL A 312 16.74 -33.41 2.31
CA VAL A 312 17.00 -32.47 1.22
C VAL A 312 17.00 -33.18 -0.14
N ARG A 313 17.64 -34.35 -0.20
CA ARG A 313 17.62 -35.15 -1.42
C ARG A 313 16.17 -35.47 -1.79
N ASP A 314 15.40 -35.94 -0.82
CA ASP A 314 14.02 -36.35 -1.06
C ASP A 314 13.21 -35.21 -1.65
N ALA A 315 13.43 -34.00 -1.14
CA ALA A 315 12.69 -32.83 -1.61
C ALA A 315 13.11 -32.49 -3.04
N VAL A 316 14.40 -32.59 -3.32
CA VAL A 316 14.91 -32.31 -4.65
C VAL A 316 14.33 -33.31 -5.63
N VAL A 317 14.38 -34.59 -5.27
CA VAL A 317 13.85 -35.66 -6.11
C VAL A 317 12.37 -35.43 -6.37
N LEU A 318 11.64 -35.04 -5.34
CA LEU A 318 10.20 -34.85 -5.43
C LEU A 318 9.84 -33.75 -6.43
N ASN A 319 10.51 -32.61 -6.33
CA ASN A 319 10.20 -31.47 -7.20
C ASN A 319 10.76 -31.66 -8.61
N ALA A 320 11.90 -32.34 -8.72
CA ALA A 320 12.45 -32.69 -10.03
C ALA A 320 11.46 -33.56 -10.79
N ALA A 321 10.93 -34.56 -10.10
CA ALA A 321 9.91 -35.45 -10.67
C ALA A 321 8.68 -34.64 -11.10
N GLY A 322 8.30 -33.68 -10.27
CA GLY A 322 7.18 -32.80 -10.57
C GLY A 322 7.38 -32.05 -11.87
N ALA A 323 8.59 -31.53 -12.07
CA ALA A 323 8.93 -30.84 -13.31
C ALA A 323 8.86 -31.81 -14.49
N ILE A 324 9.32 -33.04 -14.28
CA ILE A 324 9.31 -34.06 -15.33
C ILE A 324 7.87 -34.43 -15.69
N VAL A 325 6.99 -34.49 -14.69
CA VAL A 325 5.57 -34.75 -14.95
C VAL A 325 4.97 -33.62 -15.79
N ALA A 326 5.28 -32.38 -15.44
CA ALA A 326 4.82 -31.22 -16.21
C ALA A 326 5.31 -31.31 -17.66
N HIS A 327 6.58 -31.63 -17.83
CA HIS A 327 7.17 -31.83 -19.15
C HIS A 327 6.40 -32.86 -19.97
N ALA A 328 6.04 -33.98 -19.33
CA ALA A 328 5.30 -35.04 -20.00
C ALA A 328 3.93 -34.55 -20.46
N GLY A 329 3.38 -33.59 -19.73
CA GLY A 329 2.06 -33.07 -20.04
C GLY A 329 1.98 -32.36 -21.38
N LEU A 330 3.14 -31.99 -21.92
CA LEU A 330 3.20 -31.30 -23.19
C LEU A 330 2.79 -32.21 -24.35
N SER A 331 3.46 -33.35 -24.46
CA SER A 331 3.25 -34.28 -25.58
C SER A 331 2.60 -35.58 -25.12
N SER A 332 3.22 -36.25 -24.16
CA SER A 332 2.77 -37.56 -23.70
C SER A 332 1.31 -37.55 -23.27
N ARG A 333 0.63 -38.66 -23.52
CA ARG A 333 -0.72 -38.87 -23.03
C ARG A 333 -0.67 -39.68 -21.75
N ALA A 334 0.52 -39.75 -21.15
CA ALA A 334 0.73 -40.51 -19.92
C ALA A 334 -0.12 -39.95 -18.79
N GLU A 335 -0.72 -40.84 -18.01
CA GLU A 335 -1.60 -40.44 -16.93
C GLU A 335 -0.83 -40.03 -15.69
N TRP A 336 -1.53 -39.39 -14.76
CA TRP A 336 -0.95 -38.79 -13.56
C TRP A 336 -0.02 -39.72 -12.78
N LEU A 337 -0.55 -40.84 -12.29
CA LEU A 337 0.23 -41.70 -11.40
C LEU A 337 1.42 -42.34 -12.10
N PRO A 338 1.21 -42.96 -13.28
CA PRO A 338 2.38 -43.51 -13.98
C PRO A 338 3.39 -42.43 -14.38
N ALA A 339 2.92 -41.23 -14.70
CA ALA A 339 3.83 -40.12 -14.99
C ALA A 339 4.72 -39.83 -13.78
N TRP A 340 4.12 -39.84 -12.59
CA TRP A 340 4.87 -39.57 -11.36
C TRP A 340 5.89 -40.66 -11.05
N GLU A 341 5.50 -41.92 -11.24
CA GLU A 341 6.38 -43.05 -10.96
C GLU A 341 7.61 -42.99 -11.86
N GLU A 342 7.39 -42.65 -13.13
N GLU A 342 7.39 -42.67 -13.14
CA GLU A 342 8.48 -42.52 -14.09
CA GLU A 342 8.47 -42.49 -14.09
C GLU A 342 9.35 -41.29 -13.75
C GLU A 342 9.35 -41.32 -13.67
N GLY A 343 8.70 -40.21 -13.32
CA GLY A 343 9.40 -39.00 -12.98
C GLY A 343 10.30 -39.16 -11.76
N LEU A 344 9.83 -39.91 -10.78
CA LEU A 344 10.62 -40.19 -9.59
C LEU A 344 11.78 -41.12 -9.92
N ARG A 345 11.55 -42.07 -10.82
CA ARG A 345 12.59 -42.99 -11.23
C ARG A 345 13.69 -42.25 -11.98
N ARG A 346 13.30 -41.35 -12.87
CA ARG A 346 14.26 -40.61 -13.69
C ARG A 346 15.04 -39.61 -12.86
N ALA A 347 14.39 -39.01 -11.87
CA ALA A 347 15.04 -38.04 -11.00
C ALA A 347 16.08 -38.73 -10.12
N SER A 348 15.66 -39.81 -9.45
CA SER A 348 16.56 -40.57 -8.60
C SER A 348 17.75 -41.09 -9.40
N ALA A 349 17.48 -41.55 -10.62
CA ALA A 349 18.51 -42.12 -11.46
C ALA A 349 19.49 -41.05 -11.93
N ALA A 350 18.99 -39.85 -12.18
CA ALA A 350 19.85 -38.74 -12.60
C ALA A 350 20.89 -38.43 -11.52
N ILE A 351 20.49 -38.55 -10.26
CA ILE A 351 21.41 -38.38 -9.15
C ILE A 351 22.32 -39.60 -8.99
N ASP A 352 21.71 -40.78 -8.84
CA ASP A 352 22.45 -41.99 -8.50
C ASP A 352 23.48 -42.39 -9.56
N THR A 353 23.20 -42.09 -10.82
CA THR A 353 24.11 -42.48 -11.90
C THR A 353 25.19 -41.42 -12.12
N GLY A 354 25.19 -40.37 -11.31
CA GLY A 354 26.17 -39.31 -11.44
C GLY A 354 25.88 -38.35 -12.57
N ALA A 355 24.75 -38.55 -13.25
CA ALA A 355 24.42 -37.72 -14.41
C ALA A 355 24.27 -36.24 -14.03
N ALA A 356 23.67 -36.00 -12.88
CA ALA A 356 23.46 -34.63 -12.40
C ALA A 356 24.79 -33.97 -12.03
N GLU A 357 25.61 -34.68 -11.27
CA GLU A 357 26.95 -34.19 -10.93
C GLU A 357 27.74 -33.89 -12.20
N GLN A 358 27.64 -34.79 -13.16
CA GLN A 358 28.37 -34.64 -14.42
C GLN A 358 27.85 -33.48 -15.24
N LEU A 359 26.54 -33.22 -15.19
CA LEU A 359 25.97 -32.13 -15.97
C LEU A 359 26.38 -30.77 -15.40
N LEU A 360 26.38 -30.65 -14.08
CA LEU A 360 26.83 -29.43 -13.42
C LEU A 360 28.27 -29.11 -13.82
N ALA A 361 29.12 -30.13 -13.78
CA ALA A 361 30.52 -29.96 -14.15
C ALA A 361 30.64 -29.51 -15.60
N ARG A 362 29.81 -30.11 -16.46
CA ARG A 362 29.77 -29.74 -17.87
C ARG A 362 29.28 -28.32 -18.04
N TRP A 363 28.39 -27.90 -17.15
CA TRP A 363 27.82 -26.55 -17.19
C TRP A 363 28.89 -25.52 -16.80
N VAL A 364 29.62 -25.81 -15.72
CA VAL A 364 30.74 -24.97 -15.30
C VAL A 364 31.79 -24.91 -16.40
N ARG A 365 32.10 -26.07 -16.97
CA ARG A 365 33.07 -26.17 -18.06
C ARG A 365 32.69 -25.27 -19.23
N PHE A 366 31.41 -25.25 -19.56
CA PHE A 366 30.91 -24.44 -20.66
C PHE A 366 31.19 -22.95 -20.46
N GLY A 367 30.93 -22.45 -19.26
CA GLY A 367 31.15 -21.05 -18.97
C GLY A 367 32.61 -20.64 -19.06
N ARG A 368 33.49 -21.52 -18.57
CA ARG A 368 34.92 -21.25 -18.62
C ARG A 368 35.44 -21.28 -20.05
N GLN A 369 34.86 -22.13 -20.88
CA GLN A 369 35.31 -22.33 -22.26
C GLN A 369 34.81 -21.24 -23.20
N ILE A 370 33.96 -20.34 -22.69
CA ILE A 370 33.45 -19.24 -23.49
C ILE A 370 34.55 -18.21 -23.79
N LEU A 371 35.47 -18.05 -22.84
CA LEU A 371 36.58 -17.12 -23.01
C LEU A 371 37.63 -17.70 -23.95
N PRO B 25 13.45 -2.79 14.57
CA PRO B 25 12.38 -2.24 13.74
C PRO B 25 12.86 -1.91 12.33
N SER B 26 12.08 -2.30 11.33
CA SER B 26 12.46 -2.09 9.92
C SER B 26 11.24 -1.98 9.04
N TRP B 27 11.45 -1.55 7.80
CA TRP B 27 10.34 -1.42 6.86
C TRP B 27 9.77 -2.79 6.47
N PRO B 28 10.64 -3.76 6.13
CA PRO B 28 10.11 -5.10 5.82
C PRO B 28 9.24 -5.68 6.95
N GLN B 29 9.69 -5.50 8.19
CA GLN B 29 8.95 -5.98 9.34
C GLN B 29 7.60 -5.30 9.47
N ILE B 30 7.61 -3.96 9.40
CA ILE B 30 6.40 -3.17 9.59
C ILE B 30 5.45 -3.34 8.41
N LEU B 31 5.98 -3.23 7.20
CA LEU B 31 5.17 -3.34 6.00
C LEU B 31 4.64 -4.77 5.83
N GLY B 32 5.45 -5.74 6.25
CA GLY B 32 5.03 -7.13 6.20
C GLY B 32 3.83 -7.37 7.09
N ARG B 33 3.88 -6.79 8.28
CA ARG B 33 2.80 -6.90 9.24
C ARG B 33 1.49 -6.31 8.69
N LEU B 34 1.58 -5.14 8.07
CA LEU B 34 0.40 -4.48 7.52
C LEU B 34 -0.20 -5.25 6.35
N THR B 35 0.64 -5.75 5.44
CA THR B 35 0.13 -6.50 4.29
C THR B 35 -0.49 -7.83 4.72
N ASP B 36 -0.14 -8.30 5.90
CA ASP B 36 -0.76 -9.50 6.46
C ASP B 36 -2.04 -9.13 7.22
N ASN B 37 -2.46 -7.87 7.09
CA ASN B 37 -3.65 -7.36 7.75
C ASN B 37 -3.61 -7.50 9.28
N ARG B 38 -2.44 -7.25 9.85
CA ARG B 38 -2.27 -7.23 11.30
C ARG B 38 -1.99 -5.83 11.81
N ASP B 39 -2.54 -5.51 12.97
CA ASP B 39 -2.20 -4.26 13.66
C ASP B 39 -0.71 -4.28 14.00
N LEU B 40 -0.09 -3.10 14.00
CA LEU B 40 1.31 -2.98 14.32
C LEU B 40 1.57 -3.21 15.81
N ALA B 41 2.80 -3.62 16.15
CA ALA B 41 3.23 -3.66 17.54
C ALA B 41 3.43 -2.24 18.03
N ARG B 42 3.29 -2.04 19.34
CA ARG B 42 3.44 -0.72 19.93
C ARG B 42 4.79 -0.11 19.56
N GLY B 43 4.76 1.15 19.11
CA GLY B 43 5.97 1.88 18.78
C GLY B 43 6.41 1.76 17.33
N GLN B 44 5.83 0.81 16.59
CA GLN B 44 6.22 0.62 15.20
C GLN B 44 5.77 1.79 14.31
N ALA B 45 4.52 2.22 14.48
CA ALA B 45 4.03 3.39 13.75
C ALA B 45 4.88 4.61 14.08
N ALA B 46 5.24 4.77 15.35
CA ALA B 46 6.07 5.88 15.78
C ALA B 46 7.44 5.85 15.10
N TRP B 47 8.04 4.67 15.02
CA TRP B 47 9.33 4.52 14.35
C TRP B 47 9.21 4.93 12.89
N ALA B 48 8.19 4.42 12.22
CA ALA B 48 7.96 4.74 10.81
C ALA B 48 7.85 6.24 10.62
N MET B 49 7.04 6.89 11.46
CA MET B 49 6.83 8.32 11.33
C MET B 49 8.11 9.11 11.58
N ASP B 50 8.92 8.65 12.54
CA ASP B 50 10.16 9.35 12.82
C ASP B 50 11.11 9.26 11.63
N GLN B 51 11.13 8.11 10.95
CA GLN B 51 11.92 7.96 9.74
C GLN B 51 11.42 8.94 8.66
N ILE B 52 10.11 9.03 8.53
CA ILE B 52 9.50 9.92 7.54
C ILE B 52 9.82 11.39 7.82
N MET B 53 9.76 11.77 9.09
CA MET B 53 9.95 13.17 9.46
C MET B 53 11.42 13.60 9.39
N THR B 54 12.35 12.68 9.63
CA THR B 54 13.78 13.02 9.62
C THR B 54 14.39 12.95 8.22
N GLY B 55 13.61 12.56 7.22
CA GLY B 55 14.10 12.51 5.86
C GLY B 55 14.83 11.22 5.52
N ASN B 56 14.75 10.24 6.41
CA ASN B 56 15.44 8.97 6.23
C ASN B 56 14.59 7.90 5.56
N ALA B 57 13.32 8.22 5.30
CA ALA B 57 12.43 7.30 4.61
C ALA B 57 12.44 7.62 3.12
N ARG B 58 12.65 6.59 2.30
CA ARG B 58 12.59 6.75 0.86
C ARG B 58 11.14 6.95 0.44
N PRO B 59 10.90 7.73 -0.62
CA PRO B 59 9.52 7.94 -1.08
C PRO B 59 8.74 6.64 -1.23
N ALA B 60 9.39 5.58 -1.70
CA ALA B 60 8.74 4.29 -1.90
C ALA B 60 8.32 3.69 -0.57
N GLN B 61 9.12 3.94 0.46
CA GLN B 61 8.81 3.43 1.80
C GLN B 61 7.65 4.23 2.41
N ILE B 62 7.64 5.54 2.18
CA ILE B 62 6.55 6.39 2.66
C ILE B 62 5.22 5.98 2.03
N ALA B 63 5.23 5.82 0.72
CA ALA B 63 4.05 5.44 -0.04
C ALA B 63 3.55 4.06 0.39
N ALA B 64 4.46 3.10 0.50
CA ALA B 64 4.10 1.75 0.91
C ALA B 64 3.43 1.78 2.28
N PHE B 65 4.01 2.54 3.20
CA PHE B 65 3.48 2.62 4.56
C PHE B 65 2.09 3.23 4.58
N ALA B 66 1.94 4.37 3.91
CA ALA B 66 0.67 5.08 3.86
C ALA B 66 -0.44 4.21 3.29
N VAL B 67 -0.18 3.55 2.17
CA VAL B 67 -1.18 2.71 1.54
C VAL B 67 -1.47 1.47 2.41
N ALA B 68 -0.42 0.80 2.87
CA ALA B 68 -0.58 -0.41 3.66
C ALA B 68 -1.39 -0.14 4.94
N MET B 69 -1.09 0.97 5.61
CA MET B 69 -1.80 1.34 6.83
C MET B 69 -3.27 1.63 6.53
N THR B 70 -3.53 2.24 5.39
CA THR B 70 -4.88 2.59 5.01
C THR B 70 -5.74 1.35 4.75
N MET B 71 -5.19 0.38 4.02
CA MET B 71 -5.96 -0.79 3.62
C MET B 71 -6.10 -1.80 4.75
N LYS B 72 -5.15 -1.83 5.68
CA LYS B 72 -5.28 -2.65 6.88
C LYS B 72 -6.40 -2.12 7.78
N ALA B 73 -6.62 -0.81 7.72
CA ALA B 73 -7.50 -0.05 8.63
C ALA B 73 -6.73 0.35 9.89
N PRO B 74 -6.33 1.62 9.99
CA PRO B 74 -5.51 2.04 11.13
C PRO B 74 -6.27 2.04 12.45
N THR B 75 -5.56 1.83 13.56
CA THR B 75 -6.15 1.94 14.89
C THR B 75 -5.87 3.31 15.50
N ALA B 76 -6.63 3.65 16.53
CA ALA B 76 -6.45 4.92 17.22
C ALA B 76 -5.05 5.02 17.81
N ASP B 77 -4.55 3.91 18.35
CA ASP B 77 -3.21 3.86 18.91
C ASP B 77 -2.15 4.14 17.85
N GLU B 78 -2.34 3.56 16.66
CA GLU B 78 -1.39 3.73 15.57
C GLU B 78 -1.38 5.17 15.08
N VAL B 79 -2.56 5.75 14.92
CA VAL B 79 -2.67 7.14 14.46
C VAL B 79 -2.16 8.09 15.53
N GLY B 80 -2.42 7.77 16.80
CA GLY B 80 -1.90 8.55 17.90
C GLY B 80 -0.38 8.60 17.89
N GLU B 81 0.25 7.49 17.51
CA GLU B 81 1.69 7.46 17.40
C GLU B 81 2.16 8.35 16.25
N LEU B 82 1.47 8.25 15.10
CA LEU B 82 1.84 9.07 13.96
C LEU B 82 1.76 10.55 14.31
N ALA B 83 0.62 10.95 14.89
CA ALA B 83 0.36 12.35 15.19
C ALA B 83 1.33 12.87 16.25
N GLY B 84 1.62 12.04 17.24
CA GLY B 84 2.50 12.45 18.33
C GLY B 84 3.91 12.72 17.86
N VAL B 85 4.45 11.83 17.03
CA VAL B 85 5.78 12.02 16.50
C VAL B 85 5.83 13.26 15.61
N MET B 86 4.81 13.44 14.77
CA MET B 86 4.73 14.61 13.91
C MET B 86 4.75 15.90 14.72
N LEU B 87 4.00 15.93 15.82
CA LEU B 87 3.97 17.11 16.69
C LEU B 87 5.31 17.38 17.33
N SER B 88 6.07 16.33 17.64
CA SER B 88 7.37 16.51 18.27
C SER B 88 8.34 17.22 17.34
N HIS B 89 8.08 17.14 16.03
CA HIS B 89 8.94 17.81 15.05
C HIS B 89 8.42 19.21 14.68
N ALA B 90 7.22 19.54 15.15
CA ALA B 90 6.58 20.79 14.75
C ALA B 90 7.00 21.97 15.63
N HIS B 91 6.93 23.16 15.06
CA HIS B 91 7.16 24.38 15.82
C HIS B 91 5.92 24.67 16.66
N PRO B 92 6.08 24.97 17.95
CA PRO B 92 4.91 25.27 18.79
C PRO B 92 4.53 26.74 18.72
N LEU B 93 3.35 27.08 19.23
CA LEU B 93 3.02 28.48 19.48
C LEU B 93 3.67 28.87 20.80
N PRO B 94 3.88 30.18 21.02
CA PRO B 94 4.54 30.60 22.27
C PRO B 94 3.74 30.23 23.51
N ALA B 95 4.44 30.05 24.63
CA ALA B 95 3.82 29.64 25.88
C ALA B 95 2.70 30.60 26.31
N ASP B 96 1.59 30.02 26.76
CA ASP B 96 0.49 30.79 27.34
C ASP B 96 -0.13 31.78 26.36
N THR B 97 -0.07 31.47 25.07
CA THR B 97 -0.63 32.34 24.05
C THR B 97 -1.93 31.78 23.47
N VAL B 98 -2.09 30.47 23.55
CA VAL B 98 -3.29 29.83 23.06
C VAL B 98 -4.32 29.76 24.20
N PRO B 99 -5.50 30.38 24.01
CA PRO B 99 -6.52 30.28 25.06
C PRO B 99 -6.87 28.84 25.40
N ASP B 100 -7.10 28.59 26.69
CA ASP B 100 -7.40 27.25 27.17
C ASP B 100 -8.57 26.61 26.43
N ASP B 101 -9.53 27.44 26.00
CA ASP B 101 -10.76 26.95 25.40
C ASP B 101 -10.81 27.21 23.89
N ALA B 102 -9.65 27.21 23.23
CA ALA B 102 -9.60 27.39 21.78
C ALA B 102 -10.17 26.17 21.06
N VAL B 103 -10.79 26.39 19.90
CA VAL B 103 -11.39 25.30 19.13
C VAL B 103 -10.88 25.28 17.69
N ASP B 104 -10.93 24.10 17.10
CA ASP B 104 -10.65 23.92 15.68
C ASP B 104 -11.96 23.64 14.95
N VAL B 105 -12.03 24.04 13.68
CA VAL B 105 -13.16 23.70 12.81
C VAL B 105 -12.60 23.32 11.45
N VAL B 106 -12.63 22.03 11.13
CA VAL B 106 -11.92 21.51 9.98
C VAL B 106 -12.50 20.18 9.50
N GLY B 107 -12.34 19.92 8.20
CA GLY B 107 -12.67 18.62 7.63
C GLY B 107 -11.42 17.99 7.03
N THR B 108 -11.36 16.66 7.03
CA THR B 108 -10.19 15.95 6.50
C THR B 108 -10.22 15.81 4.98
N GLY B 109 -11.23 16.41 4.34
CA GLY B 109 -11.35 16.37 2.89
C GLY B 109 -12.49 15.49 2.43
N GLY B 110 -13.20 15.93 1.40
CA GLY B 110 -14.34 15.19 0.87
C GLY B 110 -13.92 14.14 -0.14
N THR B 115 -15.40 20.74 1.28
CA THR B 115 -16.23 21.61 2.10
C THR B 115 -15.40 22.69 2.79
N VAL B 116 -14.30 23.08 2.14
CA VAL B 116 -13.43 24.13 2.67
C VAL B 116 -14.21 25.42 2.87
N ASN B 117 -15.16 25.68 1.97
CA ASN B 117 -16.02 26.83 2.07
C ASN B 117 -16.79 26.84 3.40
N LEU B 118 -17.28 25.68 3.82
CA LEU B 118 -18.11 25.60 5.01
C LEU B 118 -17.30 25.75 6.27
N SER B 119 -16.19 25.03 6.38
CA SER B 119 -15.37 25.07 7.58
C SER B 119 -14.79 26.47 7.78
N THR B 120 -14.45 27.13 6.69
CA THR B 120 -13.89 28.47 6.75
C THR B 120 -14.91 29.46 7.28
N MET B 121 -16.14 29.38 6.76
CA MET B 121 -17.21 30.27 7.19
C MET B 121 -17.61 29.98 8.63
N ALA B 122 -17.72 28.69 8.97
CA ALA B 122 -18.09 28.28 10.32
C ALA B 122 -17.06 28.78 11.33
N ALA B 123 -15.79 28.68 10.97
CA ALA B 123 -14.72 29.14 11.83
C ALA B 123 -14.88 30.62 12.17
N ILE B 124 -15.16 31.42 11.16
CA ILE B 124 -15.35 32.85 11.35
C ILE B 124 -16.57 33.12 12.21
N VAL B 125 -17.65 32.38 11.99
CA VAL B 125 -18.88 32.54 12.77
C VAL B 125 -18.64 32.16 14.24
N VAL B 126 -17.93 31.05 14.47
CA VAL B 126 -17.61 30.60 15.81
C VAL B 126 -16.76 31.63 16.55
N ALA B 127 -15.73 32.15 15.88
CA ALA B 127 -14.90 33.20 16.45
C ALA B 127 -15.75 34.43 16.80
N ALA B 128 -16.71 34.74 15.93
CA ALA B 128 -17.58 35.90 16.12
C ALA B 128 -18.54 35.70 17.29
N ALA B 129 -18.80 34.43 17.63
CA ALA B 129 -19.66 34.10 18.75
C ALA B 129 -18.90 34.13 20.08
N GLY B 130 -17.62 34.47 20.03
CA GLY B 130 -16.81 34.62 21.23
C GLY B 130 -15.98 33.41 21.59
N VAL B 131 -15.95 32.41 20.71
CA VAL B 131 -15.14 31.21 20.94
C VAL B 131 -13.82 31.33 20.17
N PRO B 132 -12.69 31.31 20.87
CA PRO B 132 -11.41 31.43 20.15
C PRO B 132 -11.22 30.27 19.17
N VAL B 133 -10.81 30.60 17.95
CA VAL B 133 -10.62 29.58 16.91
C VAL B 133 -9.19 29.63 16.37
N VAL B 134 -8.53 28.48 16.32
CA VAL B 134 -7.24 28.40 15.66
C VAL B 134 -7.27 27.23 14.69
N LYS B 135 -7.16 27.58 13.41
CA LYS B 135 -7.18 26.58 12.36
C LYS B 135 -5.78 26.25 11.90
N HIS B 136 -5.70 25.25 11.03
CA HIS B 136 -4.43 24.68 10.60
C HIS B 136 -4.64 24.07 9.21
N GLY B 137 -3.88 24.54 8.23
CA GLY B 137 -4.05 24.04 6.87
C GLY B 137 -3.02 24.55 5.89
N ASN B 138 -3.28 24.30 4.60
CA ASN B 138 -2.34 24.62 3.54
C ASN B 138 -3.05 25.11 2.28
N ARG B 139 -2.27 25.60 1.32
CA ARG B 139 -2.81 25.92 0.01
C ARG B 139 -3.08 24.62 -0.74
N ALA B 140 -4.19 24.58 -1.48
CA ALA B 140 -4.57 23.38 -2.22
C ALA B 140 -3.56 23.07 -3.33
N LEU B 144 -9.56 24.31 -7.55
CA LEU B 144 -10.35 24.11 -6.32
C LEU B 144 -9.65 24.76 -5.13
N SER B 145 -10.25 25.83 -4.62
CA SER B 145 -9.65 26.60 -3.53
C SER B 145 -9.62 25.85 -2.21
N GLY B 146 -8.43 25.71 -1.64
CA GLY B 146 -8.26 25.12 -0.33
C GLY B 146 -8.62 26.11 0.76
N GLY B 147 -8.49 25.68 2.01
CA GLY B 147 -8.86 26.51 3.15
C GLY B 147 -8.06 27.80 3.18
N ALA B 148 -6.75 27.65 3.05
CA ALA B 148 -5.84 28.79 3.06
C ALA B 148 -6.07 29.69 1.84
N ASP B 149 -6.38 29.11 0.69
CA ASP B 149 -6.55 29.87 -0.55
C ASP B 149 -7.75 30.80 -0.48
N THR B 150 -8.84 30.31 0.09
CA THR B 150 -10.05 31.10 0.25
C THR B 150 -9.77 32.32 1.12
N LEU B 151 -9.09 32.08 2.25
CA LEU B 151 -8.78 33.16 3.18
C LEU B 151 -7.89 34.21 2.53
N GLU B 152 -6.90 33.77 1.75
CA GLU B 152 -6.02 34.69 1.05
C GLU B 152 -6.81 35.53 0.05
N ALA B 153 -7.78 34.91 -0.61
CA ALA B 153 -8.61 35.62 -1.58
C ALA B 153 -9.43 36.72 -0.90
N LEU B 154 -9.67 36.56 0.40
CA LEU B 154 -10.41 37.56 1.17
C LEU B 154 -9.49 38.64 1.74
N GLY B 155 -8.19 38.46 1.58
CA GLY B 155 -7.21 39.43 2.02
C GLY B 155 -6.55 39.08 3.35
N VAL B 156 -6.79 37.87 3.83
CA VAL B 156 -6.18 37.40 5.07
C VAL B 156 -4.74 36.95 4.83
N ARG B 157 -3.83 37.37 5.71
CA ARG B 157 -2.44 36.89 5.67
C ARG B 157 -2.35 35.56 6.41
N ILE B 158 -2.10 34.49 5.68
CA ILE B 158 -2.11 33.14 6.23
C ILE B 158 -0.74 32.65 6.71
N ASP B 159 0.32 33.13 6.08
CA ASP B 159 1.67 32.61 6.35
C ASP B 159 2.38 33.43 7.41
N LEU B 160 2.06 33.17 8.67
CA LEU B 160 2.60 33.93 9.78
C LEU B 160 3.30 33.03 10.79
N GLY B 161 4.36 33.56 11.38
CA GLY B 161 5.09 32.84 12.41
C GLY B 161 4.27 32.71 13.68
N PRO B 162 4.73 31.86 14.62
CA PRO B 162 3.98 31.58 15.85
C PRO B 162 3.63 32.81 16.68
N ASP B 163 4.51 33.81 16.70
CA ASP B 163 4.28 35.00 17.52
C ASP B 163 3.08 35.80 17.00
N LEU B 164 2.91 35.82 15.68
CA LEU B 164 1.86 36.62 15.07
C LEU B 164 0.52 35.88 15.07
N VAL B 165 0.57 34.55 14.98
CA VAL B 165 -0.63 33.74 15.13
C VAL B 165 -1.19 33.96 16.55
N ALA B 166 -0.28 33.95 17.51
CA ALA B 166 -0.62 34.21 18.90
C ALA B 166 -1.27 35.58 19.07
N ARG B 167 -0.70 36.57 18.40
CA ARG B 167 -1.21 37.94 18.50
C ARG B 167 -2.58 38.03 17.83
N SER B 168 -2.74 37.35 16.70
CA SER B 168 -4.01 37.30 15.98
C SER B 168 -5.11 36.72 16.86
N LEU B 169 -4.80 35.63 17.57
CA LEU B 169 -5.75 35.02 18.49
C LEU B 169 -6.15 35.99 19.59
N ALA B 170 -5.17 36.74 20.10
CA ALA B 170 -5.41 37.66 21.20
C ALA B 170 -6.21 38.88 20.75
N GLU B 171 -5.84 39.44 19.60
CA GLU B 171 -6.42 40.70 19.14
C GLU B 171 -7.68 40.50 18.29
N VAL B 172 -7.77 39.39 17.58
CA VAL B 172 -8.88 39.15 16.65
C VAL B 172 -9.82 38.04 17.13
N GLY B 173 -9.28 37.07 17.87
CA GLY B 173 -10.05 35.93 18.34
C GLY B 173 -10.01 34.75 17.39
N ILE B 174 -9.18 34.87 16.36
CA ILE B 174 -8.99 33.77 15.41
C ILE B 174 -7.57 33.79 14.90
N GLY B 175 -7.05 32.61 14.60
CA GLY B 175 -5.70 32.47 14.07
C GLY B 175 -5.62 31.33 13.07
N PHE B 176 -4.58 31.33 12.26
CA PHE B 176 -4.37 30.30 11.26
C PHE B 176 -2.91 29.85 11.21
N CYS B 177 -2.68 28.57 11.46
CA CYS B 177 -1.33 28.00 11.38
C CYS B 177 -1.06 27.42 10.00
N PHE B 178 -0.18 28.08 9.25
CA PHE B 178 0.19 27.64 7.91
C PHE B 178 1.06 26.39 8.04
N ALA B 179 0.56 25.28 7.51
CA ALA B 179 1.15 23.98 7.81
C ALA B 179 2.63 23.87 7.39
N PRO B 180 2.98 24.34 6.17
CA PRO B 180 4.39 24.26 5.79
C PRO B 180 5.30 25.04 6.73
N ARG B 181 4.77 26.06 7.40
CA ARG B 181 5.56 26.87 8.31
C ARG B 181 5.78 26.17 9.64
N PHE B 182 4.80 25.39 10.08
CA PHE B 182 4.86 24.74 11.38
C PHE B 182 5.30 23.29 11.30
N HIS B 183 5.10 22.67 10.13
CA HIS B 183 5.49 21.27 9.90
C HIS B 183 6.46 21.11 8.73
N PRO B 184 7.59 21.84 8.76
CA PRO B 184 8.53 21.80 7.64
C PRO B 184 9.11 20.41 7.37
N SER B 185 9.25 19.60 8.42
CA SER B 185 9.80 18.26 8.28
C SER B 185 8.82 17.27 7.63
N TYR B 186 7.60 17.72 7.43
CA TYR B 186 6.57 16.90 6.79
C TYR B 186 6.64 16.97 5.26
N ARG B 187 7.59 17.73 4.73
CA ARG B 187 7.69 17.97 3.29
C ARG B 187 7.85 16.67 2.49
N HIS B 188 8.56 15.70 3.04
CA HIS B 188 8.79 14.44 2.34
C HIS B 188 7.48 13.66 2.20
N ALA B 189 6.70 13.63 3.27
CA ALA B 189 5.43 12.93 3.24
C ALA B 189 4.43 13.61 2.31
N ALA B 190 4.42 14.94 2.33
CA ALA B 190 3.47 15.71 1.51
C ALA B 190 3.76 15.53 0.02
N ALA B 191 5.03 15.44 -0.32
CA ALA B 191 5.43 15.20 -1.71
C ALA B 191 4.92 13.84 -2.19
N VAL B 192 4.97 12.84 -1.32
CA VAL B 192 4.47 11.50 -1.66
C VAL B 192 2.95 11.50 -1.76
N ARG B 193 2.29 12.24 -0.87
N ARG B 193 2.30 12.22 -0.86
CA ARG B 193 0.83 12.34 -0.87
CA ARG B 193 0.84 12.35 -0.88
C ARG B 193 0.31 12.90 -2.20
C ARG B 193 0.35 12.87 -2.22
N ARG B 194 1.00 13.90 -2.73
CA ARG B 194 0.62 14.48 -4.02
C ARG B 194 0.87 13.50 -5.16
N GLU B 195 1.98 12.77 -5.07
CA GLU B 195 2.37 11.86 -6.13
C GLU B 195 1.39 10.70 -6.32
N ILE B 196 0.88 10.15 -5.22
CA ILE B 196 -0.02 9.00 -5.31
C ILE B 196 -1.48 9.45 -5.42
N GLY B 197 -1.78 10.65 -4.91
CA GLY B 197 -3.08 11.26 -5.11
C GLY B 197 -4.22 10.69 -4.28
N VAL B 198 -4.25 9.37 -4.13
CA VAL B 198 -5.30 8.70 -3.39
C VAL B 198 -5.29 9.11 -1.92
N PRO B 199 -6.47 9.18 -1.29
CA PRO B 199 -6.50 9.47 0.15
C PRO B 199 -5.92 8.34 0.99
N THR B 200 -5.17 8.69 2.03
CA THR B 200 -4.59 7.71 2.94
C THR B 200 -4.78 8.12 4.40
N VAL B 201 -4.30 7.28 5.30
CA VAL B 201 -4.34 7.57 6.73
C VAL B 201 -3.75 8.95 7.03
N PHE B 202 -2.79 9.39 6.21
CA PHE B 202 -2.15 10.67 6.44
C PHE B 202 -3.11 11.85 6.30
N ASN B 203 -4.22 11.65 5.62
CA ASN B 203 -5.25 12.68 5.51
C ASN B 203 -5.89 13.00 6.86
N LEU B 204 -5.72 12.10 7.83
CA LEU B 204 -6.25 12.29 9.18
C LEU B 204 -5.38 13.16 10.07
N LEU B 205 -4.14 13.41 9.65
CA LEU B 205 -3.16 14.02 10.54
C LEU B 205 -3.35 15.52 10.74
N GLY B 206 -3.96 16.19 9.77
CA GLY B 206 -4.17 17.63 9.85
C GLY B 206 -4.85 18.07 11.13
N PRO B 207 -6.03 17.52 11.40
CA PRO B 207 -6.79 17.84 12.63
C PRO B 207 -6.11 17.34 13.90
N LEU B 208 -5.23 16.36 13.79
CA LEU B 208 -4.59 15.76 14.95
C LEU B 208 -3.21 16.34 15.22
N THR B 209 -2.78 17.27 14.38
CA THR B 209 -1.46 17.90 14.55
C THR B 209 -1.52 19.41 14.44
N ASN B 210 -2.68 19.98 14.74
CA ASN B 210 -2.80 21.42 14.89
C ASN B 210 -1.76 21.93 15.88
N PRO B 211 -0.80 22.76 15.42
CA PRO B 211 0.30 23.17 16.30
C PRO B 211 -0.14 23.90 17.56
N ALA B 212 -1.32 24.51 17.52
CA ALA B 212 -1.84 25.26 18.66
C ALA B 212 -2.47 24.30 19.68
N ARG B 213 -2.68 23.07 19.25
CA ARG B 213 -3.23 22.03 20.12
C ARG B 213 -4.52 22.43 20.83
N PRO B 214 -5.52 22.93 20.08
CA PRO B 214 -6.81 23.22 20.73
C PRO B 214 -7.41 21.95 21.30
N ARG B 215 -8.10 22.08 22.44
CA ARG B 215 -8.62 20.93 23.16
C ARG B 215 -10.07 20.63 22.79
N ALA B 216 -10.64 21.46 21.93
CA ALA B 216 -11.99 21.23 21.44
C ALA B 216 -12.09 21.50 19.95
N GLY B 217 -13.18 21.08 19.34
CA GLY B 217 -13.42 21.40 17.95
C GLY B 217 -14.53 20.61 17.31
N LEU B 218 -14.83 21.02 16.08
CA LEU B 218 -15.72 20.29 15.18
C LEU B 218 -14.85 19.70 14.07
N ILE B 219 -14.71 18.38 14.06
CA ILE B 219 -13.82 17.71 13.13
C ILE B 219 -14.59 16.77 12.19
N GLY B 220 -14.61 17.09 10.91
CA GLY B 220 -15.36 16.30 9.96
C GLY B 220 -14.48 15.32 9.20
N CYS B 221 -15.06 14.18 8.83
CA CYS B 221 -14.34 13.16 8.08
C CYS B 221 -15.26 12.49 7.06
N ALA B 222 -14.74 12.28 5.85
CA ALA B 222 -15.54 11.75 4.76
C ALA B 222 -15.74 10.22 4.84
N PHE B 223 -15.12 9.59 5.83
CA PHE B 223 -15.20 8.14 5.99
C PHE B 223 -15.58 7.76 7.42
N ALA B 224 -16.68 7.02 7.55
CA ALA B 224 -17.24 6.70 8.86
C ALA B 224 -16.28 5.93 9.75
N ASP B 225 -15.53 4.99 9.17
CA ASP B 225 -14.63 4.15 9.94
C ASP B 225 -13.44 4.95 10.47
N LEU B 226 -12.88 5.79 9.61
CA LEU B 226 -11.76 6.64 10.01
C LEU B 226 -12.20 7.72 10.99
N ALA B 227 -13.46 8.14 10.88
CA ALA B 227 -14.01 9.12 11.82
C ALA B 227 -14.00 8.56 13.23
N GLU B 228 -14.36 7.28 13.36
CA GLU B 228 -14.38 6.62 14.65
C GLU B 228 -12.96 6.48 15.22
N VAL B 229 -11.99 6.27 14.34
CA VAL B 229 -10.60 6.18 14.75
C VAL B 229 -10.13 7.53 15.31
N MET B 230 -10.42 8.61 14.58
CA MET B 230 -10.06 9.95 15.04
C MET B 230 -10.68 10.26 16.40
N ALA B 231 -11.94 9.86 16.56
CA ALA B 231 -12.64 10.06 17.82
C ALA B 231 -11.91 9.38 18.96
N GLY B 232 -11.33 8.22 18.67
CA GLY B 232 -10.59 7.48 19.67
C GLY B 232 -9.33 8.24 20.08
N VAL B 233 -8.68 8.86 19.10
CA VAL B 233 -7.47 9.63 19.38
C VAL B 233 -7.80 10.85 20.23
N PHE B 234 -8.84 11.60 19.84
CA PHE B 234 -9.26 12.76 20.61
C PHE B 234 -9.67 12.35 22.03
N ALA B 235 -10.25 11.17 22.16
CA ALA B 235 -10.66 10.68 23.47
C ALA B 235 -9.44 10.43 24.34
N ALA B 236 -8.39 9.85 23.75
CA ALA B 236 -7.15 9.60 24.47
C ALA B 236 -6.53 10.90 24.98
N ARG B 237 -6.72 11.97 24.20
CA ARG B 237 -6.22 13.28 24.57
C ARG B 237 -7.16 13.99 25.53
N ARG B 238 -8.30 13.36 25.79
CA ARG B 238 -9.34 13.94 26.64
C ARG B 238 -9.79 15.30 26.09
N SER B 239 -9.94 15.37 24.77
CA SER B 239 -10.47 16.56 24.11
C SER B 239 -11.99 16.55 24.19
N SER B 240 -12.59 17.74 24.04
CA SER B 240 -14.03 17.85 23.88
C SER B 240 -14.34 18.15 22.42
N VAL B 241 -14.62 17.11 21.65
CA VAL B 241 -14.74 17.22 20.21
C VAL B 241 -15.99 16.53 19.68
N LEU B 242 -16.59 17.12 18.66
CA LEU B 242 -17.58 16.43 17.83
C LEU B 242 -16.92 16.01 16.54
N VAL B 243 -16.68 14.71 16.39
CA VAL B 243 -16.25 14.17 15.10
C VAL B 243 -17.50 13.86 14.30
N VAL B 244 -17.60 14.44 13.11
CA VAL B 244 -18.84 14.40 12.34
C VAL B 244 -18.62 13.78 10.96
N HIS B 245 -19.66 13.11 10.47
CA HIS B 245 -19.62 12.47 9.17
C HIS B 245 -20.98 12.57 8.51
N GLY B 246 -21.04 13.27 7.38
CA GLY B 246 -22.26 13.35 6.60
C GLY B 246 -22.56 12.01 5.98
N ASP B 247 -23.82 11.56 6.09
CA ASP B 247 -24.21 10.27 5.54
C ASP B 247 -24.38 10.34 4.02
N ASP B 248 -23.87 11.41 3.43
CA ASP B 248 -23.75 11.54 1.98
C ASP B 248 -22.27 11.65 1.58
N GLY B 249 -21.38 11.36 2.53
CA GLY B 249 -19.95 11.38 2.28
C GLY B 249 -19.32 12.74 2.54
N LEU B 250 -20.07 13.63 3.18
CA LEU B 250 -19.60 14.97 3.49
C LEU B 250 -18.72 14.95 4.72
N ASP B 251 -17.60 15.68 4.68
CA ASP B 251 -16.74 15.81 5.86
C ASP B 251 -17.16 17.01 6.71
N GLU B 252 -18.46 17.24 6.77
CA GLU B 252 -19.05 18.25 7.65
C GLU B 252 -20.43 17.75 8.07
N LEU B 253 -21.06 18.44 9.02
CA LEU B 253 -22.47 18.21 9.29
C LEU B 253 -23.24 18.67 8.06
N THR B 254 -24.00 17.76 7.46
CA THR B 254 -24.70 18.07 6.22
C THR B 254 -26.16 18.44 6.46
N THR B 255 -26.71 19.20 5.51
CA THR B 255 -28.13 19.52 5.48
C THR B 255 -28.83 18.74 4.37
N THR B 256 -28.06 17.94 3.63
CA THR B 256 -28.60 17.11 2.56
C THR B 256 -29.29 15.87 3.13
N THR B 257 -28.82 15.42 4.29
CA THR B 257 -29.40 14.26 4.95
C THR B 257 -28.94 14.21 6.41
N THR B 258 -29.04 13.03 7.01
CA THR B 258 -28.60 12.85 8.39
C THR B 258 -27.08 12.78 8.46
N SER B 259 -26.55 12.77 9.69
CA SER B 259 -25.12 12.66 9.94
C SER B 259 -24.84 11.80 11.15
N THR B 260 -23.68 11.14 11.14
CA THR B 260 -23.21 10.41 12.30
C THR B 260 -22.26 11.32 13.09
N ILE B 261 -22.45 11.35 14.41
CA ILE B 261 -21.62 12.17 15.28
C ILE B 261 -21.04 11.34 16.41
N TRP B 262 -19.72 11.41 16.56
CA TRP B 262 -19.05 10.84 17.70
C TRP B 262 -18.79 11.94 18.72
N ARG B 263 -19.61 12.00 19.76
CA ARG B 263 -19.45 12.99 20.81
C ARG B 263 -18.33 12.57 21.75
N VAL B 264 -17.19 13.26 21.66
CA VAL B 264 -16.03 12.91 22.46
C VAL B 264 -15.92 13.87 23.65
N ALA B 265 -15.93 13.29 24.86
CA ALA B 265 -15.80 14.07 26.07
C ALA B 265 -15.48 13.16 27.26
N ALA B 266 -14.61 13.65 28.16
CA ALA B 266 -14.25 12.93 29.38
C ALA B 266 -13.60 11.59 29.06
N GLY B 267 -12.79 11.56 28.00
CA GLY B 267 -12.06 10.36 27.62
C GLY B 267 -12.92 9.23 27.10
N SER B 268 -14.21 9.50 26.91
CA SER B 268 -15.16 8.50 26.41
C SER B 268 -15.89 9.02 25.18
N VAL B 269 -16.52 8.10 24.45
CA VAL B 269 -17.17 8.42 23.17
C VAL B 269 -18.60 7.93 23.11
N ASP B 270 -19.52 8.83 22.75
CA ASP B 270 -20.91 8.49 22.47
C ASP B 270 -21.20 8.69 20.99
N LYS B 271 -21.58 7.61 20.31
CA LYS B 271 -21.91 7.66 18.89
C LYS B 271 -23.39 7.96 18.69
N LEU B 272 -23.69 8.99 17.89
CA LEU B 272 -25.05 9.50 17.75
C LEU B 272 -25.43 9.68 16.29
N THR B 273 -26.72 9.55 16.00
CA THR B 273 -27.26 9.92 14.69
C THR B 273 -27.85 11.32 14.82
N PHE B 274 -27.69 12.13 13.78
CA PHE B 274 -28.05 13.54 13.82
C PHE B 274 -28.87 13.95 12.61
N ASP B 275 -30.05 14.51 12.88
CA ASP B 275 -30.94 14.97 11.81
C ASP B 275 -31.22 16.45 11.99
N PRO B 276 -30.69 17.30 11.08
CA PRO B 276 -30.94 18.74 11.18
C PRO B 276 -32.41 19.11 11.11
N ALA B 277 -33.23 18.24 10.51
CA ALA B 277 -34.66 18.49 10.37
C ALA B 277 -35.31 18.66 11.74
N GLY B 278 -34.70 18.07 12.76
CA GLY B 278 -35.20 18.20 14.12
C GLY B 278 -34.98 19.59 14.70
N PHE B 279 -34.30 20.45 13.94
CA PHE B 279 -34.06 21.84 14.33
C PHE B 279 -34.66 22.81 13.31
N GLY B 280 -35.46 22.28 12.39
CA GLY B 280 -36.20 23.12 11.45
C GLY B 280 -35.50 23.31 10.12
N PHE B 281 -34.34 22.68 9.96
CA PHE B 281 -33.57 22.82 8.73
C PHE B 281 -34.17 22.02 7.58
N ALA B 282 -34.45 22.70 6.49
CA ALA B 282 -34.96 22.04 5.29
C ALA B 282 -33.86 21.25 4.60
N ARG B 283 -34.25 20.17 3.93
CA ARG B 283 -33.31 19.37 3.16
C ARG B 283 -32.79 20.17 1.97
N ALA B 284 -31.50 20.03 1.68
CA ALA B 284 -30.88 20.72 0.55
C ALA B 284 -30.22 19.73 -0.40
N GLN B 285 -29.86 20.20 -1.59
CA GLN B 285 -29.14 19.39 -2.55
C GLN B 285 -27.63 19.55 -2.34
N LEU B 286 -26.87 18.54 -2.72
CA LEU B 286 -25.43 18.56 -2.51
C LEU B 286 -24.75 19.60 -3.39
N ASP B 287 -25.23 19.75 -4.62
CA ASP B 287 -24.65 20.69 -5.57
C ASP B 287 -24.85 22.14 -5.14
N GLN B 288 -25.75 22.36 -4.18
CA GLN B 288 -25.99 23.69 -3.64
C GLN B 288 -24.87 24.11 -2.70
N LEU B 289 -24.17 23.13 -2.14
CA LEU B 289 -23.05 23.37 -1.25
C LEU B 289 -21.72 23.27 -2.00
N ALA B 290 -21.76 23.59 -3.29
CA ALA B 290 -20.63 23.37 -4.18
C ALA B 290 -19.54 24.44 -4.04
N GLY B 291 -18.34 24.00 -3.70
CA GLY B 291 -17.18 24.88 -3.67
C GLY B 291 -16.71 25.17 -5.09
N GLY B 292 -15.81 26.13 -5.23
CA GLY B 292 -15.28 26.51 -6.53
C GLY B 292 -13.86 27.01 -6.41
N ASP B 293 -13.47 27.93 -7.30
CA ASP B 293 -12.16 28.55 -7.23
C ASP B 293 -12.16 29.58 -6.10
N ALA B 294 -10.97 30.01 -5.70
CA ALA B 294 -10.80 30.87 -4.53
C ALA B 294 -11.64 32.15 -4.60
N GLN B 295 -11.81 32.69 -5.80
CA GLN B 295 -12.56 33.94 -5.97
C GLN B 295 -14.06 33.71 -5.75
N ALA B 296 -14.53 32.52 -6.06
CA ALA B 296 -15.94 32.19 -5.91
C ALA B 296 -16.27 31.89 -4.45
N ASN B 297 -15.39 31.15 -3.79
CA ASN B 297 -15.55 30.86 -2.37
C ASN B 297 -15.56 32.15 -1.56
N ALA B 298 -14.67 33.07 -1.91
CA ALA B 298 -14.61 34.38 -1.29
C ALA B 298 -15.95 35.10 -1.43
N ALA B 299 -16.53 35.02 -2.63
CA ALA B 299 -17.82 35.65 -2.89
C ALA B 299 -18.92 35.03 -2.03
N ALA B 300 -18.85 33.72 -1.87
CA ALA B 300 -19.81 33.01 -1.03
C ALA B 300 -19.66 33.40 0.44
N VAL B 301 -18.42 33.55 0.90
CA VAL B 301 -18.17 33.96 2.28
C VAL B 301 -18.79 35.34 2.50
N ARG B 302 -18.50 36.28 1.62
CA ARG B 302 -19.03 37.64 1.74
C ARG B 302 -20.55 37.63 1.77
N ALA B 303 -21.16 36.74 0.97
CA ALA B 303 -22.61 36.65 0.88
C ALA B 303 -23.20 36.17 2.20
N VAL B 304 -22.71 35.03 2.69
CA VAL B 304 -23.20 34.46 3.94
C VAL B 304 -23.00 35.41 5.11
N LEU B 305 -21.80 35.94 5.26
CA LEU B 305 -21.50 36.85 6.37
C LEU B 305 -22.33 38.14 6.23
N GLY B 306 -22.77 38.42 5.01
CA GLY B 306 -23.61 39.58 4.74
C GLY B 306 -25.07 39.32 5.06
N GLY B 307 -25.39 38.08 5.43
CA GLY B 307 -26.73 37.75 5.91
C GLY B 307 -27.58 37.00 4.90
N ALA B 308 -27.01 36.67 3.74
CA ALA B 308 -27.74 35.94 2.71
C ALA B 308 -28.26 34.60 3.25
N ARG B 309 -29.55 34.35 3.02
CA ARG B 309 -30.20 33.12 3.48
C ARG B 309 -30.01 32.03 2.43
N GLY B 310 -30.20 30.78 2.84
CA GLY B 310 -30.08 29.66 1.94
C GLY B 310 -29.41 28.46 2.59
N PRO B 311 -29.23 27.38 1.83
CA PRO B 311 -28.64 26.14 2.37
C PRO B 311 -27.19 26.29 2.81
N VAL B 312 -26.43 27.17 2.16
CA VAL B 312 -25.03 27.39 2.54
C VAL B 312 -24.98 27.98 3.94
N ARG B 313 -25.78 29.01 4.19
CA ARG B 313 -25.87 29.60 5.52
C ARG B 313 -26.26 28.54 6.55
N ASP B 314 -27.29 27.75 6.21
CA ASP B 314 -27.77 26.71 7.09
C ASP B 314 -26.66 25.73 7.47
N ALA B 315 -25.87 25.33 6.49
CA ALA B 315 -24.78 24.40 6.73
C ALA B 315 -23.70 25.04 7.61
N VAL B 316 -23.39 26.29 7.33
CA VAL B 316 -22.42 27.05 8.11
C VAL B 316 -22.90 27.19 9.57
N VAL B 317 -24.14 27.61 9.74
CA VAL B 317 -24.71 27.76 11.08
C VAL B 317 -24.72 26.43 11.82
N LEU B 318 -25.01 25.35 11.11
CA LEU B 318 -25.09 24.03 11.72
C LEU B 318 -23.71 23.57 12.22
N ASN B 319 -22.68 23.73 11.40
CA ASN B 319 -21.33 23.34 11.79
C ASN B 319 -20.73 24.27 12.83
N ALA B 320 -21.05 25.56 12.73
CA ALA B 320 -20.61 26.52 13.75
C ALA B 320 -21.19 26.12 15.10
N ALA B 321 -22.48 25.79 15.12
CA ALA B 321 -23.15 25.36 16.34
C ALA B 321 -22.48 24.10 16.89
N GLY B 322 -22.09 23.20 16.00
CA GLY B 322 -21.41 21.97 16.41
C GLY B 322 -20.14 22.26 17.18
N ALA B 323 -19.34 23.19 16.67
CA ALA B 323 -18.10 23.60 17.33
C ALA B 323 -18.40 24.24 18.68
N ILE B 324 -19.45 25.05 18.74
CA ILE B 324 -19.82 25.72 19.97
C ILE B 324 -20.27 24.71 21.02
N VAL B 325 -20.97 23.67 20.59
CA VAL B 325 -21.37 22.59 21.49
C VAL B 325 -20.14 21.88 22.05
N ALA B 326 -19.16 21.64 21.18
CA ALA B 326 -17.91 21.01 21.59
C ALA B 326 -17.15 21.89 22.58
N HIS B 327 -17.14 23.19 22.31
CA HIS B 327 -16.52 24.15 23.22
C HIS B 327 -17.14 24.09 24.61
N ALA B 328 -18.46 23.99 24.66
CA ALA B 328 -19.20 23.94 25.91
C ALA B 328 -18.82 22.69 26.71
N GLY B 329 -18.52 21.62 25.99
CA GLY B 329 -18.18 20.35 26.60
C GLY B 329 -16.91 20.41 27.43
N LEU B 330 -16.11 21.45 27.24
CA LEU B 330 -14.88 21.63 27.99
C LEU B 330 -15.14 21.95 29.47
N SER B 331 -16.22 22.69 29.72
CA SER B 331 -16.49 23.20 31.06
C SER B 331 -17.75 22.59 31.67
N SER B 332 -18.48 21.78 30.91
CA SER B 332 -19.70 21.17 31.39
C SER B 332 -20.14 19.98 30.55
N ARG B 333 -21.19 19.32 31.00
CA ARG B 333 -21.80 18.21 30.27
C ARG B 333 -23.28 18.49 30.08
N ALA B 334 -23.58 19.66 29.52
CA ALA B 334 -24.95 20.11 29.32
C ALA B 334 -25.72 19.14 28.42
N GLU B 335 -27.04 19.18 28.51
CA GLU B 335 -27.89 18.32 27.70
C GLU B 335 -27.64 18.57 26.21
N TRP B 336 -27.70 17.49 25.44
CA TRP B 336 -27.41 17.51 24.01
C TRP B 336 -28.27 18.53 23.25
N LEU B 337 -29.58 18.43 23.42
CA LEU B 337 -30.53 19.22 22.63
C LEU B 337 -30.51 20.71 22.97
N PRO B 338 -30.49 21.07 24.26
CA PRO B 338 -30.44 22.51 24.57
C PRO B 338 -29.09 23.13 24.24
N ALA B 339 -28.02 22.33 24.27
CA ALA B 339 -26.70 22.81 23.90
C ALA B 339 -26.72 23.25 22.45
N TRP B 340 -27.34 22.41 21.61
CA TRP B 340 -27.45 22.69 20.19
C TRP B 340 -28.32 23.91 19.89
N GLU B 341 -29.40 24.05 20.63
CA GLU B 341 -30.31 25.17 20.39
C GLU B 341 -29.63 26.49 20.76
N GLU B 342 -28.86 26.50 21.83
N GLU B 342 -28.87 26.49 21.83
CA GLU B 342 -28.12 27.68 22.22
CA GLU B 342 -28.11 27.67 22.23
C GLU B 342 -26.99 27.93 21.22
C GLU B 342 -26.98 27.93 21.22
N GLY B 343 -26.39 26.85 20.74
CA GLY B 343 -25.32 26.95 19.76
C GLY B 343 -25.81 27.46 18.41
N LEU B 344 -26.95 26.94 17.96
CA LEU B 344 -27.55 27.40 16.71
C LEU B 344 -27.94 28.86 16.83
N ARG B 345 -28.42 29.25 18.01
CA ARG B 345 -28.81 30.62 18.27
C ARG B 345 -27.60 31.56 18.23
N ARG B 346 -26.54 31.17 18.91
CA ARG B 346 -25.33 31.98 18.96
C ARG B 346 -24.69 32.15 17.58
N ALA B 347 -24.70 31.08 16.79
CA ALA B 347 -24.15 31.12 15.45
C ALA B 347 -24.98 32.05 14.56
N SER B 348 -26.30 31.94 14.67
CA SER B 348 -27.21 32.79 13.90
C SER B 348 -27.01 34.26 14.27
N ALA B 349 -26.98 34.53 15.57
CA ALA B 349 -26.77 35.88 16.07
C ALA B 349 -25.43 36.44 15.59
N ALA B 350 -24.39 35.61 15.60
CA ALA B 350 -23.06 36.06 15.19
C ALA B 350 -23.11 36.61 13.77
N ILE B 351 -23.89 35.97 12.91
CA ILE B 351 -24.05 36.45 11.54
C ILE B 351 -24.94 37.71 11.52
N ASP B 352 -26.14 37.60 12.09
CA ASP B 352 -27.18 38.63 11.91
C ASP B 352 -26.92 39.92 12.67
N THR B 353 -26.04 39.89 13.67
CA THR B 353 -25.61 41.12 14.33
C THR B 353 -24.56 41.85 13.50
N GLY B 354 -24.01 41.17 12.50
CA GLY B 354 -22.89 41.69 11.73
C GLY B 354 -21.54 41.32 12.32
N ALA B 355 -21.56 40.61 13.44
CA ALA B 355 -20.33 40.28 14.17
C ALA B 355 -19.36 39.45 13.33
N ALA B 356 -19.89 38.47 12.61
CA ALA B 356 -19.05 37.61 11.78
C ALA B 356 -18.38 38.40 10.67
N GLU B 357 -19.17 39.21 9.97
CA GLU B 357 -18.64 40.07 8.92
C GLU B 357 -17.59 41.04 9.46
N GLN B 358 -17.86 41.60 10.64
CA GLN B 358 -16.95 42.54 11.27
C GLN B 358 -15.66 41.84 11.72
N LEU B 359 -15.77 40.58 12.13
CA LEU B 359 -14.59 39.85 12.61
C LEU B 359 -13.63 39.56 11.46
N LEU B 360 -14.17 39.19 10.30
CA LEU B 360 -13.34 38.98 9.12
C LEU B 360 -12.60 40.26 8.76
N ALA B 361 -13.28 41.40 8.87
CA ALA B 361 -12.67 42.68 8.57
C ALA B 361 -11.55 42.98 9.57
N ARG B 362 -11.78 42.66 10.84
CA ARG B 362 -10.73 42.86 11.84
C ARG B 362 -9.56 41.93 11.60
N TRP B 363 -9.84 40.77 11.02
CA TRP B 363 -8.81 39.79 10.71
C TRP B 363 -7.92 40.32 9.59
N VAL B 364 -8.56 40.82 8.54
CA VAL B 364 -7.85 41.42 7.41
C VAL B 364 -7.05 42.63 7.89
N ARG B 365 -7.67 43.48 8.68
CA ARG B 365 -7.01 44.67 9.23
C ARG B 365 -5.74 44.29 9.99
N PHE B 366 -5.84 43.29 10.86
CA PHE B 366 -4.69 42.80 11.62
C PHE B 366 -3.54 42.40 10.72
N GLY B 367 -3.86 41.69 9.64
CA GLY B 367 -2.85 41.25 8.71
C GLY B 367 -2.15 42.41 8.03
N ARG B 368 -2.90 43.45 7.67
CA ARG B 368 -2.33 44.61 6.99
C ARG B 368 -1.45 45.43 7.93
N GLN B 369 -1.73 45.36 9.22
CA GLN B 369 -0.95 46.06 10.24
C GLN B 369 0.47 45.51 10.40
N ILE B 370 0.68 44.26 9.99
CA ILE B 370 1.96 43.59 10.24
C ILE B 370 3.13 44.29 9.54
N LEU B 371 2.89 44.80 8.34
CA LEU B 371 3.93 45.50 7.58
C LEU B 371 4.54 46.66 8.35
N GLU B 372 3.69 47.51 8.92
CA GLU B 372 4.16 48.66 9.69
C GLU B 372 4.84 48.21 10.98
CAA TA7 C . 18.96 -2.86 -12.97
OAB TA7 C . 15.73 -8.46 -10.18
OAC TA7 C . 14.43 -10.72 -10.55
FAD TA7 C . 11.64 -10.85 -11.41
FAE TA7 C . 12.42 -10.19 -13.32
FAF TA7 C . 13.04 -12.09 -12.46
CAG TA7 C . 16.48 -5.48 -13.87
CAH TA7 C . 17.58 -4.97 -11.75
CAI TA7 C . 15.84 -6.58 -13.29
CAJ TA7 C . 16.93 -6.09 -11.16
CAK TA7 C . 14.23 -8.76 -11.98
OAL TA7 C . 17.98 -3.57 -13.74
CAM TA7 C . 15.36 -8.09 -11.27
CAN TA7 C . 13.85 -10.16 -11.47
CAO TA7 C . 17.35 -4.66 -13.11
CAP TA7 C . 16.05 -6.90 -11.92
CAQ TA7 C . 12.70 -10.85 -12.17
CAA TA7 D . 6.94 22.04 2.13
OAB TA7 D . 0.33 20.19 3.57
OAC TA7 D . -1.57 19.59 5.30
FAD TA7 D . -0.02 19.27 8.32
FAE TA7 D . -2.11 19.76 7.94
FAF TA7 D . -1.31 17.73 7.67
CAG TA7 D . 4.39 20.90 2.55
CAH TA7 D . 4.90 20.83 4.93
CAI TA7 D . 3.06 20.55 2.82
CAJ TA7 D . 3.56 20.48 5.21
CAK TA7 D . 0.81 19.32 5.71
OAL TA7 D . 6.67 21.38 3.37
CAM TA7 D . 1.16 19.97 4.43
CAN TA7 D . -0.67 19.34 6.12
CAO TA7 D . 5.32 21.04 3.61
CAP TA7 D . 2.62 20.35 4.15
CAQ TA7 D . -1.03 19.01 7.55
#